data_3DPG
#
_entry.id   3DPG
#
_cell.length_a   69.726
_cell.length_b   78.621
_cell.length_c   86.834
_cell.angle_alpha   90.00
_cell.angle_beta   109.76
_cell.angle_gamma   90.00
#
_symmetry.space_group_name_H-M   'P 1 21 1'
#
loop_
_entity.id
_entity.type
_entity.pdbx_description
1 polymer "DNA (5'-D(*DAP*DAP*DGP*DTP*DCP*DGP*DAP*DCP*DCP*DGP*DGP*DTP*DGP*DGP*DAP*DCP*DT)-3')"
2 polymer 'SgraIR restriction enzyme'
3 non-polymer 'CALCIUM ION'
4 water water
#
loop_
_entity_poly.entity_id
_entity_poly.type
_entity_poly.pdbx_seq_one_letter_code
_entity_poly.pdbx_strand_id
1 'polydeoxyribonucleotide' (DA)(DA)(DG)(DT)(DC)(DG)(DA)(DC)(DC)(DG)(DG)(DT)(DG)(DG)(DA)(DC)(DT) C,D
2 'polypeptide(L)'
;PFTYSIEATRNLATTERCIQDIRNAPVRNRSTQFQLAQQNMLAYTFGEVIPGFASAGINGMDYRDVIGRPVENAVTEGTH
FFRDDFRVDSNAKAKVAGDIFEIVSSAVMWNCAARWNSLMVGEGWRSQPRYSRPTLSPSPRRQVAVLNLPRSFDWVSLLV
PESQEVIEEFRAGLRKDGLGLPTSTPDLAVVVLPEEFQNDEMWREEIAGLTRPNQILLSGAYQRLQGRVQPGEISLAVAF
KRSLRSDRLYQPLYEANVMQLLLEGKLGAPKVEFEVHTLAPEGTNAFVTYEAASLYGLAEGRSAVHRAIRELYVPPTAAD
LARRFFAFLNERMELVNG
;
A,B
#
loop_
_chem_comp.id
_chem_comp.type
_chem_comp.name
_chem_comp.formula
CA non-polymer 'CALCIUM ION' 'Ca 2'
DA DNA linking 2'-DEOXYADENOSINE-5'-MONOPHOSPHATE 'C10 H14 N5 O6 P'
DC DNA linking 2'-DEOXYCYTIDINE-5'-MONOPHOSPHATE 'C9 H14 N3 O7 P'
DG DNA linking 2'-DEOXYGUANOSINE-5'-MONOPHOSPHATE 'C10 H14 N5 O7 P'
DT DNA linking THYMIDINE-5'-MONOPHOSPHATE 'C10 H15 N2 O8 P'
#
# COMPACT_ATOMS: atom_id res chain seq x y z
N PRO C 1 -5.58 -12.00 32.24
CA PRO C 1 -5.54 -10.57 32.58
C PRO C 1 -4.44 -9.88 31.79
N PHE C 2 -4.24 -8.58 32.01
CA PHE C 2 -3.17 -7.87 31.32
C PHE C 2 -1.83 -8.55 31.55
N THR C 3 -1.53 -8.81 32.82
CA THR C 3 -0.40 -9.65 33.19
C THR C 3 -0.85 -11.10 33.14
N TYR C 4 -0.10 -11.92 32.42
CA TYR C 4 -0.44 -13.32 32.22
C TYR C 4 -0.60 -14.05 33.57
N SER C 5 -1.61 -14.91 33.66
CA SER C 5 -1.84 -15.72 34.85
C SER C 5 -2.25 -17.15 34.50
N ILE C 6 -1.45 -18.12 34.92
CA ILE C 6 -1.80 -19.54 34.70
C ILE C 6 -3.17 -19.89 35.28
N GLU C 7 -3.44 -19.43 36.50
CA GLU C 7 -4.73 -19.69 37.13
C GLU C 7 -5.84 -19.20 36.23
N ALA C 8 -5.80 -17.91 35.91
CA ALA C 8 -6.78 -17.32 35.03
C ALA C 8 -6.90 -18.15 33.75
N THR C 9 -5.76 -18.57 33.22
CA THR C 9 -5.70 -19.34 31.99
C THR C 9 -6.33 -20.73 32.13
N ARG C 10 -6.10 -21.39 33.27
CA ARG C 10 -6.71 -22.69 33.51
C ARG C 10 -8.22 -22.57 33.66
N ASN C 11 -8.66 -21.48 34.28
CA ASN C 11 -10.09 -21.23 34.47
C ASN C 11 -10.85 -21.00 33.17
N LEU C 12 -10.11 -20.85 32.06
CA LEU C 12 -10.75 -20.56 30.77
C LEU C 12 -11.35 -21.81 30.14
N ALA C 13 -12.60 -21.70 29.71
CA ALA C 13 -13.19 -22.73 28.88
C ALA C 13 -12.29 -22.94 27.67
N THR C 14 -12.27 -24.16 27.14
CA THR C 14 -11.40 -24.47 26.02
C THR C 14 -11.60 -23.49 24.86
N THR C 15 -12.84 -23.10 24.62
CA THR C 15 -13.18 -22.18 23.53
C THR C 15 -12.88 -20.70 23.85
N GLU C 16 -12.38 -20.44 25.05
CA GLU C 16 -12.02 -19.07 25.46
C GLU C 16 -10.51 -18.88 25.44
N ARG C 17 -9.79 -19.96 25.25
CA ARG C 17 -8.33 -19.90 25.22
C ARG C 17 -7.81 -19.07 24.05
N CYS C 18 -6.68 -18.41 24.29
CA CYS C 18 -6.07 -17.52 23.32
C CYS C 18 -5.53 -18.27 22.11
N ILE C 19 -5.03 -19.48 22.35
CA ILE C 19 -4.61 -20.37 21.25
C ILE C 19 -5.67 -21.45 21.03
N GLN C 20 -6.12 -21.59 19.78
CA GLN C 20 -7.04 -22.66 19.44
C GLN C 20 -6.32 -23.74 18.65
N ASP C 21 -6.39 -24.98 19.13
CA ASP C 21 -5.79 -26.11 18.43
C ASP C 21 -6.70 -26.58 17.30
N ILE C 22 -6.25 -26.44 16.06
CA ILE C 22 -7.05 -26.88 14.92
C ILE C 22 -6.36 -27.97 14.10
N ARG C 23 -5.36 -28.60 14.70
CA ARG C 23 -4.63 -29.69 14.05
C ARG C 23 -5.57 -30.81 13.56
N ASN C 24 -6.72 -30.94 14.20
CA ASN C 24 -7.69 -31.97 13.82
C ASN C 24 -8.89 -31.38 13.10
N ALA C 25 -8.97 -30.06 13.05
CA ALA C 25 -10.02 -29.37 12.32
C ALA C 25 -9.44 -28.28 11.44
N PRO C 26 -8.61 -28.67 10.46
CA PRO C 26 -7.89 -27.74 9.59
C PRO C 26 -8.82 -26.81 8.81
N VAL C 27 -8.23 -25.75 8.26
CA VAL C 27 -8.96 -24.84 7.38
C VAL C 27 -8.68 -25.23 5.93
N ARG C 28 -9.74 -25.38 5.15
CA ARG C 28 -9.58 -25.75 3.74
C ARG C 28 -8.49 -24.88 3.11
N ASN C 29 -7.63 -25.52 2.31
CA ASN C 29 -6.55 -24.82 1.62
C ASN C 29 -5.47 -24.26 2.55
N ARG C 30 -5.57 -24.54 3.84
CA ARG C 30 -4.60 -24.02 4.81
C ARG C 30 -3.96 -25.10 5.66
N SER C 31 -2.66 -24.93 5.92
CA SER C 31 -1.92 -25.87 6.76
C SER C 31 -1.76 -25.32 8.18
N THR C 32 -2.58 -24.33 8.53
CA THR C 32 -2.56 -23.75 9.87
C THR C 32 -2.76 -24.85 10.93
N GLN C 33 -1.95 -24.82 11.99
CA GLN C 33 -2.05 -25.83 13.04
C GLN C 33 -2.63 -25.26 14.34
N PHE C 34 -2.25 -24.03 14.66
CA PHE C 34 -2.82 -23.32 15.80
C PHE C 34 -3.27 -21.93 15.37
N GLN C 35 -4.42 -21.50 15.86
CA GLN C 35 -4.94 -20.17 15.53
C GLN C 35 -4.78 -19.23 16.72
N LEU C 36 -4.45 -17.98 16.42
CA LEU C 36 -4.51 -16.93 17.42
C LEU C 36 -5.96 -16.47 17.53
N ALA C 37 -6.56 -16.76 18.68
CA ALA C 37 -7.94 -16.37 18.97
C ALA C 37 -8.02 -14.90 19.36
N GLN C 38 -8.05 -14.04 18.35
CA GLN C 38 -7.97 -12.61 18.53
C GLN C 38 -8.97 -12.04 19.53
N GLN C 39 -10.24 -12.43 19.40
CA GLN C 39 -11.27 -11.92 20.31
C GLN C 39 -11.03 -12.43 21.73
N ASN C 40 -10.65 -13.70 21.85
CA ASN C 40 -10.31 -14.27 23.16
C ASN C 40 -9.09 -13.58 23.76
N MET C 41 -8.14 -13.22 22.92
CA MET C 41 -6.92 -12.58 23.39
C MET C 41 -7.21 -11.18 23.95
N LEU C 42 -8.10 -10.44 23.27
CA LEU C 42 -8.51 -9.13 23.74
C LEU C 42 -9.26 -9.24 25.06
N ALA C 43 -10.14 -10.22 25.15
CA ALA C 43 -10.91 -10.45 26.38
C ALA C 43 -10.01 -10.84 27.55
N TYR C 44 -9.01 -11.67 27.29
CA TYR C 44 -8.08 -12.12 28.32
C TYR C 44 -7.14 -11.00 28.76
N THR C 45 -6.56 -10.31 27.78
CA THR C 45 -5.55 -9.31 28.10
C THR C 45 -6.16 -7.98 28.53
N PHE C 46 -7.27 -7.59 27.91
CA PHE C 46 -7.87 -6.27 28.17
C PHE C 46 -9.31 -6.32 28.66
N GLY C 47 -9.73 -7.46 29.22
CA GLY C 47 -11.10 -7.61 29.69
C GLY C 47 -11.46 -6.64 30.80
N GLU C 48 -10.46 -6.20 31.55
CA GLU C 48 -10.71 -5.27 32.65
C GLU C 48 -9.81 -4.05 32.54
N VAL C 49 -9.28 -3.82 31.34
CA VAL C 49 -8.31 -2.75 31.12
C VAL C 49 -8.49 -2.05 29.76
N ILE C 50 -8.77 -0.76 29.81
CA ILE C 50 -8.63 0.11 28.64
C ILE C 50 -7.45 1.00 28.94
N PRO C 51 -6.34 0.82 28.21
CA PRO C 51 -5.13 1.61 28.46
C PRO C 51 -5.43 3.10 28.37
N GLY C 52 -4.87 3.87 29.30
CA GLY C 52 -5.13 5.30 29.39
C GLY C 52 -6.26 5.60 30.36
N PHE C 53 -7.03 4.56 30.69
CA PHE C 53 -8.15 4.67 31.60
C PHE C 53 -8.09 3.58 32.67
N ALA C 54 -6.89 3.06 32.88
CA ALA C 54 -6.68 1.97 33.82
C ALA C 54 -5.74 2.41 34.93
N SER C 55 -4.88 1.50 35.39
CA SER C 55 -3.91 1.83 36.45
C SER C 55 -2.83 2.75 35.89
N ALA C 56 -2.27 3.59 36.76
CA ALA C 56 -1.27 4.55 36.31
C ALA C 56 -0.09 3.86 35.64
N GLY C 57 0.16 2.62 36.04
CA GLY C 57 1.24 1.84 35.46
C GLY C 57 0.98 1.53 33.99
N ILE C 58 -0.25 1.12 33.68
CA ILE C 58 -0.59 0.75 32.31
C ILE C 58 -0.73 2.01 31.44
N ASN C 59 -1.31 3.06 32.01
CA ASN C 59 -1.51 4.31 31.29
C ASN C 59 -0.21 4.97 30.80
N GLY C 60 0.86 4.84 31.58
CA GLY C 60 2.13 5.46 31.26
C GLY C 60 3.16 4.50 30.69
N MET C 61 2.76 3.24 30.53
CA MET C 61 3.62 2.22 29.96
C MET C 61 3.83 2.48 28.46
N ASP C 62 5.01 2.13 27.95
CA ASP C 62 5.32 2.22 26.52
C ASP C 62 4.19 1.58 25.73
N TYR C 63 3.54 2.35 24.87
CA TYR C 63 2.35 1.86 24.19
C TYR C 63 2.66 0.62 23.33
N ARG C 64 3.89 0.55 22.83
CA ARG C 64 4.33 -0.66 22.12
C ARG C 64 4.18 -1.91 22.97
N ASP C 65 4.55 -1.81 24.25
CA ASP C 65 4.47 -2.95 25.15
C ASP C 65 3.02 -3.31 25.44
N VAL C 66 2.19 -2.29 25.60
CA VAL C 66 0.76 -2.50 25.81
C VAL C 66 0.15 -3.24 24.62
N ILE C 67 0.45 -2.76 23.42
CA ILE C 67 -0.15 -3.35 22.23
C ILE C 67 0.38 -4.76 21.96
N GLY C 68 1.65 -5.01 22.28
CA GLY C 68 2.23 -6.32 22.03
C GLY C 68 1.87 -7.39 23.06
N ARG C 69 1.17 -6.97 24.12
CA ARG C 69 0.88 -7.86 25.25
C ARG C 69 -0.06 -9.03 24.90
N PRO C 70 -1.16 -8.75 24.18
CA PRO C 70 -2.05 -9.86 23.83
C PRO C 70 -1.33 -11.01 23.11
N VAL C 71 -0.56 -10.71 22.08
CA VAL C 71 0.18 -11.77 21.37
C VAL C 71 1.16 -12.47 22.31
N GLU C 72 1.87 -11.70 23.13
CA GLU C 72 2.81 -12.29 24.08
C GLU C 72 2.11 -13.26 25.03
N ASN C 73 0.98 -12.82 25.59
CA ASN C 73 0.18 -13.70 26.43
C ASN C 73 -0.25 -14.96 25.69
N ALA C 74 -0.67 -14.80 24.43
CA ALA C 74 -1.11 -15.92 23.62
C ALA C 74 0.02 -16.93 23.40
N VAL C 75 1.20 -16.41 23.11
CA VAL C 75 2.35 -17.25 22.84
C VAL C 75 2.77 -17.95 24.13
N THR C 76 2.64 -17.25 25.25
CA THR C 76 2.90 -17.85 26.56
C THR C 76 1.93 -19.01 26.81
N GLU C 77 0.65 -18.79 26.56
CA GLU C 77 -0.36 -19.85 26.73
C GLU C 77 -0.11 -21.06 25.83
N GLY C 78 0.18 -20.81 24.55
CA GLY C 78 0.39 -21.90 23.61
C GLY C 78 1.61 -22.73 23.93
N THR C 79 2.67 -22.06 24.40
CA THR C 79 3.90 -22.71 24.81
C THR C 79 3.64 -23.62 26.01
N HIS C 80 2.86 -23.12 26.96
CA HIS C 80 2.56 -23.93 28.16
C HIS C 80 1.84 -25.23 27.79
N PHE C 81 0.79 -25.13 26.99
CA PHE C 81 -0.04 -26.28 26.65
C PHE C 81 0.58 -27.24 25.63
N PHE C 82 1.33 -26.71 24.67
CA PHE C 82 1.78 -27.54 23.57
C PHE C 82 3.30 -27.55 23.42
N ARG C 83 3.99 -26.80 24.27
CA ARG C 83 5.44 -26.81 24.30
C ARG C 83 6.04 -26.65 22.89
N ASP C 84 6.89 -27.61 22.51
CA ASP C 84 7.59 -27.55 21.23
C ASP C 84 6.68 -27.78 20.02
N ASP C 85 5.49 -28.33 20.26
CA ASP C 85 4.50 -28.50 19.20
C ASP C 85 3.88 -27.17 18.79
N PHE C 86 3.89 -26.19 19.70
CA PHE C 86 3.25 -24.91 19.42
C PHE C 86 3.96 -24.16 18.29
N ARG C 87 3.20 -23.81 17.26
CA ARG C 87 3.76 -23.09 16.12
C ARG C 87 2.73 -22.14 15.50
N VAL C 88 3.13 -20.88 15.30
CA VAL C 88 2.31 -19.93 14.56
C VAL C 88 3.14 -19.12 13.57
N ASP C 89 2.62 -18.99 12.35
CA ASP C 89 3.31 -18.24 11.31
C ASP C 89 3.46 -16.78 11.72
N SER C 90 4.55 -16.17 11.26
CA SER C 90 4.79 -14.75 11.41
C SER C 90 3.57 -13.93 10.94
N ASN C 91 2.93 -14.42 9.89
CA ASN C 91 1.82 -13.69 9.26
C ASN C 91 0.55 -13.73 10.10
N ALA C 92 0.49 -14.70 11.01
CA ALA C 92 -0.60 -14.79 11.96
C ALA C 92 -0.43 -13.70 12.99
N LYS C 93 0.81 -13.54 13.46
CA LYS C 93 1.12 -12.52 14.46
C LYS C 93 0.94 -11.13 13.86
N ALA C 94 1.34 -10.98 12.59
CA ALA C 94 1.19 -9.69 11.91
C ALA C 94 -0.27 -9.28 11.85
N LYS C 95 -1.11 -10.17 11.29
CA LYS C 95 -2.53 -9.88 11.18
C LYS C 95 -3.15 -9.51 12.53
N VAL C 96 -2.93 -10.35 13.54
CA VAL C 96 -3.54 -10.10 14.84
C VAL C 96 -3.02 -8.84 15.53
N ALA C 97 -1.72 -8.62 15.50
CA ALA C 97 -1.14 -7.42 16.12
C ALA C 97 -1.70 -6.15 15.48
N GLY C 98 -1.93 -6.17 14.18
CA GLY C 98 -2.52 -5.03 13.51
C GLY C 98 -3.92 -4.76 14.05
N ASP C 99 -4.72 -5.82 14.15
CA ASP C 99 -6.06 -5.67 14.70
C ASP C 99 -6.05 -5.25 16.16
N ILE C 100 -5.13 -5.79 16.96
CA ILE C 100 -5.00 -5.35 18.36
C ILE C 100 -4.72 -3.85 18.41
N PHE C 101 -3.76 -3.39 17.61
CA PHE C 101 -3.41 -1.97 17.59
C PHE C 101 -4.63 -1.12 17.30
N GLU C 102 -5.34 -1.46 16.24
CA GLU C 102 -6.51 -0.68 15.86
C GLU C 102 -7.62 -0.74 16.90
N ILE C 103 -7.99 -1.94 17.33
CA ILE C 103 -9.12 -2.10 18.24
C ILE C 103 -8.87 -1.45 19.59
N VAL C 104 -7.71 -1.72 20.18
CA VAL C 104 -7.36 -1.10 21.46
C VAL C 104 -7.33 0.42 21.35
N SER C 105 -6.68 0.94 20.31
CA SER C 105 -6.59 2.40 20.14
C SER C 105 -7.97 3.03 20.00
N SER C 106 -8.84 2.34 19.27
CA SER C 106 -10.22 2.80 19.10
C SER C 106 -11.00 2.78 20.40
N ALA C 107 -10.70 1.82 21.27
CA ALA C 107 -11.31 1.77 22.59
C ALA C 107 -10.85 2.93 23.44
N VAL C 108 -9.55 3.23 23.39
CA VAL C 108 -9.05 4.41 24.08
C VAL C 108 -9.83 5.66 23.66
N MET C 109 -9.97 5.86 22.34
CA MET C 109 -10.69 7.02 21.85
C MET C 109 -12.17 6.99 22.22
N TRP C 110 -12.76 5.79 22.21
CA TRP C 110 -14.14 5.64 22.66
C TRP C 110 -14.35 6.22 24.07
N ASN C 111 -13.51 5.83 25.02
CA ASN C 111 -13.61 6.35 26.38
C ASN C 111 -13.32 7.84 26.45
N CYS C 112 -12.40 8.31 25.61
CA CYS C 112 -12.19 9.76 25.49
C CYS C 112 -13.49 10.44 25.13
N ALA C 113 -14.14 9.91 24.10
CA ALA C 113 -15.41 10.47 23.63
C ALA C 113 -16.48 10.45 24.72
N ALA C 114 -16.53 9.36 25.48
CA ALA C 114 -17.49 9.26 26.59
C ALA C 114 -17.30 10.39 27.61
N ARG C 115 -16.06 10.57 28.06
CA ARG C 115 -15.73 11.61 29.03
C ARG C 115 -15.97 12.99 28.44
N TRP C 116 -15.55 13.18 27.20
CA TRP C 116 -15.83 14.41 26.48
C TRP C 116 -17.32 14.68 26.40
N ASN C 117 -18.10 13.66 26.03
CA ASN C 117 -19.53 13.83 25.84
C ASN C 117 -20.25 14.17 27.14
N SER C 118 -19.85 13.52 28.22
CA SER C 118 -20.39 13.80 29.54
C SER C 118 -20.19 15.27 29.91
N LEU C 119 -18.99 15.78 29.65
CA LEU C 119 -18.72 17.20 29.87
C LEU C 119 -19.63 18.04 28.99
N MET C 120 -19.72 17.66 27.72
CA MET C 120 -20.52 18.42 26.76
C MET C 120 -21.99 18.55 27.19
N VAL C 121 -22.53 17.52 27.86
CA VAL C 121 -23.94 17.56 28.25
C VAL C 121 -24.12 18.19 29.63
N GLY C 122 -23.03 18.72 30.18
CA GLY C 122 -23.11 19.51 31.39
C GLY C 122 -22.75 18.82 32.70
N GLU C 123 -22.17 17.62 32.63
CA GLU C 123 -21.68 16.94 33.83
C GLU C 123 -20.28 17.45 34.11
N GLY C 124 -19.63 16.90 35.13
CA GLY C 124 -18.29 17.32 35.45
C GLY C 124 -17.26 16.80 34.46
N TRP C 125 -16.01 17.10 34.74
CA TRP C 125 -14.88 16.52 34.03
C TRP C 125 -14.32 15.40 34.91
N ARG C 126 -14.62 14.15 34.57
CA ARG C 126 -14.17 13.03 35.38
C ARG C 126 -12.66 13.09 35.58
N SER C 127 -12.20 12.76 36.78
CA SER C 127 -10.85 13.15 37.17
C SER C 127 -9.84 12.02 37.25
N GLN C 128 -10.28 10.79 37.02
CA GLN C 128 -9.37 9.65 37.08
C GLN C 128 -9.47 8.72 35.86
N PRO C 129 -8.34 8.56 35.15
CA PRO C 129 -7.09 9.25 35.44
C PRO C 129 -7.21 10.74 35.12
N ARG C 130 -6.18 11.51 35.44
CA ARG C 130 -6.22 12.96 35.29
C ARG C 130 -5.73 13.43 33.92
N TYR C 131 -6.63 14.09 33.20
CA TYR C 131 -6.30 14.73 31.93
C TYR C 131 -6.72 16.19 32.03
N SER C 132 -6.12 17.05 31.22
CA SER C 132 -6.46 18.46 31.27
C SER C 132 -7.89 18.70 30.85
N ARG C 133 -8.61 19.51 31.62
CA ARG C 133 -9.98 19.87 31.29
C ARG C 133 -10.01 20.75 30.03
N PRO C 134 -10.84 20.38 29.05
CA PRO C 134 -11.07 21.18 27.84
C PRO C 134 -11.46 22.62 28.20
N THR C 135 -11.00 23.58 27.40
CA THR C 135 -11.34 24.99 27.61
C THR C 135 -12.57 25.38 26.81
N LEU C 136 -12.97 24.50 25.88
CA LEU C 136 -14.10 24.76 25.00
C LEU C 136 -15.44 24.78 25.73
N SER C 137 -16.29 25.74 25.40
CA SER C 137 -17.62 25.83 26.03
C SER C 137 -18.46 24.60 25.73
N PRO C 138 -18.91 23.91 26.78
CA PRO C 138 -19.68 22.68 26.63
C PRO C 138 -20.99 22.91 25.90
N SER C 139 -21.43 21.90 25.15
CA SER C 139 -22.73 21.92 24.50
C SER C 139 -23.08 20.52 24.03
N PRO C 140 -24.35 20.12 24.18
CA PRO C 140 -24.74 18.78 23.72
C PRO C 140 -24.46 18.62 22.22
N ARG C 141 -24.48 19.73 21.48
CA ARG C 141 -24.26 19.70 20.04
C ARG C 141 -22.80 19.43 19.67
N ARG C 142 -21.93 19.40 20.67
CA ARG C 142 -20.50 19.19 20.45
C ARG C 142 -20.04 17.79 20.86
N GLN C 143 -20.98 16.89 21.03
CA GLN C 143 -20.64 15.52 21.36
C GLN C 143 -20.15 14.83 20.08
N VAL C 144 -19.38 13.76 20.25
CA VAL C 144 -18.90 13.01 19.09
C VAL C 144 -19.10 11.51 19.28
N ALA C 145 -19.12 10.78 18.17
CA ALA C 145 -19.16 9.33 18.21
C ALA C 145 -17.88 8.80 17.59
N VAL C 146 -17.25 7.84 18.28
CA VAL C 146 -16.04 7.20 17.77
C VAL C 146 -16.43 5.89 17.11
N LEU C 147 -16.26 5.83 15.78
CA LEU C 147 -16.72 4.69 14.98
C LEU C 147 -15.59 3.87 14.39
N ASN C 148 -15.35 2.73 14.99
CA ASN C 148 -14.46 1.75 14.39
C ASN C 148 -15.16 1.18 13.15
N LEU C 149 -14.61 1.43 11.97
CA LEU C 149 -15.29 1.03 10.73
C LEU C 149 -14.86 -0.36 10.29
N PRO C 150 -15.79 -1.16 9.75
CA PRO C 150 -15.50 -2.55 9.40
C PRO C 150 -14.78 -2.73 8.08
N ARG C 151 -14.17 -3.89 7.88
CA ARG C 151 -13.57 -4.22 6.59
C ARG C 151 -14.67 -4.17 5.53
N SER C 152 -14.34 -3.64 4.36
CA SER C 152 -15.29 -3.58 3.24
C SER C 152 -16.29 -2.42 3.36
N PHE C 153 -16.07 -1.53 4.33
CA PHE C 153 -16.96 -0.39 4.54
C PHE C 153 -16.76 0.68 3.47
N ASP C 154 -17.83 1.37 3.13
CA ASP C 154 -17.74 2.56 2.31
C ASP C 154 -18.16 3.77 3.15
N TRP C 155 -17.22 4.68 3.42
CA TRP C 155 -17.49 5.77 4.35
C TRP C 155 -18.66 6.63 3.87
N VAL C 156 -18.95 6.58 2.58
CA VAL C 156 -20.06 7.35 2.04
C VAL C 156 -21.37 6.97 2.72
N SER C 157 -21.51 5.72 3.12
CA SER C 157 -22.72 5.24 3.79
C SER C 157 -23.01 5.95 5.11
N LEU C 158 -22.05 6.70 5.63
CA LEU C 158 -22.28 7.44 6.87
C LEU C 158 -23.12 8.68 6.61
N LEU C 159 -22.98 9.26 5.40
CA LEU C 159 -23.62 10.54 5.10
C LEU C 159 -25.14 10.48 5.01
N VAL C 160 -25.80 11.61 5.31
CA VAL C 160 -27.24 11.72 5.08
C VAL C 160 -27.55 11.47 3.60
N PRO C 161 -28.76 10.96 3.32
CA PRO C 161 -29.19 10.56 1.98
C PRO C 161 -28.92 11.61 0.90
N GLU C 162 -29.18 12.88 1.21
CA GLU C 162 -29.06 13.93 0.20
C GLU C 162 -27.60 14.12 -0.22
N SER C 163 -26.68 13.93 0.72
CA SER C 163 -25.25 14.07 0.43
C SER C 163 -24.75 12.88 -0.38
N GLN C 164 -25.24 11.69 -0.03
CA GLN C 164 -24.95 10.49 -0.78
C GLN C 164 -25.40 10.66 -2.23
N GLU C 165 -26.57 11.25 -2.42
CA GLU C 165 -27.12 11.48 -3.76
C GLU C 165 -26.22 12.37 -4.62
N VAL C 166 -25.69 13.43 -4.04
CA VAL C 166 -24.74 14.28 -4.76
C VAL C 166 -23.57 13.46 -5.29
N ILE C 167 -23.00 12.63 -4.40
CA ILE C 167 -21.86 11.79 -4.77
C ILE C 167 -22.25 10.75 -5.81
N GLU C 168 -23.39 10.11 -5.59
CA GLU C 168 -23.86 9.07 -6.52
C GLU C 168 -24.06 9.61 -7.94
N GLU C 169 -24.65 10.79 -8.05
CA GLU C 169 -24.90 11.35 -9.38
C GLU C 169 -23.61 11.88 -10.00
N PHE C 170 -22.63 12.20 -9.16
CA PHE C 170 -21.32 12.60 -9.65
C PHE C 170 -20.62 11.40 -10.28
N ARG C 171 -20.65 10.27 -9.59
CA ARG C 171 -20.06 9.03 -10.10
C ARG C 171 -20.78 8.48 -11.32
N ALA C 172 -22.10 8.47 -11.26
CA ALA C 172 -22.93 7.98 -12.36
C ALA C 172 -22.48 8.62 -13.67
N GLY C 173 -22.29 9.95 -13.64
CA GLY C 173 -21.83 10.68 -14.79
C GLY C 173 -20.41 10.33 -15.20
N LEU C 174 -19.59 10.00 -14.20
CA LEU C 174 -18.22 9.60 -14.47
C LEU C 174 -18.20 8.28 -15.21
N ARG C 175 -19.13 7.40 -14.85
CA ARG C 175 -19.17 6.05 -15.40
C ARG C 175 -19.50 6.02 -16.89
N LYS C 176 -20.47 6.82 -17.31
CA LYS C 176 -20.83 6.87 -18.72
C LYS C 176 -19.64 7.38 -19.55
N ASP C 177 -18.59 7.78 -18.86
CA ASP C 177 -17.37 8.23 -19.52
C ASP C 177 -16.24 7.24 -19.28
N GLY C 178 -16.60 6.04 -18.82
CA GLY C 178 -15.64 4.99 -18.56
C GLY C 178 -14.76 5.24 -17.35
N LEU C 179 -15.19 6.14 -16.47
CA LEU C 179 -14.45 6.47 -15.26
C LEU C 179 -15.24 6.14 -14.00
N GLY C 180 -14.55 6.02 -12.88
CA GLY C 180 -15.18 5.85 -11.59
C GLY C 180 -14.47 6.63 -10.51
N LEU C 181 -15.06 6.68 -9.31
CA LEU C 181 -14.34 7.22 -8.16
C LEU C 181 -14.73 6.45 -6.92
N PRO C 182 -14.30 5.19 -6.82
CA PRO C 182 -14.64 4.36 -5.66
C PRO C 182 -14.08 4.96 -4.39
N THR C 183 -14.73 4.67 -3.28
CA THR C 183 -14.28 5.09 -1.98
C THR C 183 -14.17 3.85 -1.12
N SER C 184 -13.06 3.71 -0.40
CA SER C 184 -12.94 2.65 0.59
C SER C 184 -13.33 3.20 1.96
N THR C 185 -12.40 3.19 2.90
CA THR C 185 -12.70 3.63 4.25
C THR C 185 -11.43 3.83 5.06
N PRO C 186 -11.42 4.82 5.97
CA PRO C 186 -10.37 4.83 6.97
C PRO C 186 -10.70 3.73 7.98
N ASP C 187 -9.78 3.41 8.88
CA ASP C 187 -10.07 2.44 9.94
C ASP C 187 -11.13 2.97 10.87
N LEU C 188 -11.12 4.28 11.06
CA LEU C 188 -11.98 4.86 12.10
C LEU C 188 -12.41 6.27 11.73
N ALA C 189 -13.64 6.61 12.10
CA ALA C 189 -14.13 7.96 11.92
C ALA C 189 -14.72 8.47 13.21
N VAL C 190 -14.40 9.72 13.53
CA VAL C 190 -15.01 10.44 14.63
C VAL C 190 -16.00 11.40 13.98
N VAL C 191 -17.27 11.28 14.34
CA VAL C 191 -18.31 12.11 13.76
C VAL C 191 -19.08 12.85 14.85
N VAL C 192 -19.56 14.04 14.51
CA VAL C 192 -20.44 14.77 15.41
C VAL C 192 -21.66 13.89 15.64
N LEU C 193 -22.09 13.81 16.90
CA LEU C 193 -23.25 13.00 17.24
C LEU C 193 -24.51 13.62 16.63
N PRO C 194 -25.31 12.81 15.94
CA PRO C 194 -26.57 13.33 15.39
C PRO C 194 -27.49 13.87 16.49
N GLU C 195 -28.22 14.93 16.17
CA GLU C 195 -29.10 15.58 17.14
C GLU C 195 -30.01 14.56 17.82
N GLU C 196 -30.52 13.63 17.04
CA GLU C 196 -31.39 12.56 17.53
C GLU C 196 -30.78 11.81 18.71
N PHE C 197 -29.45 11.71 18.76
CA PHE C 197 -28.79 10.89 19.76
C PHE C 197 -28.17 11.69 20.89
N GLN C 198 -28.33 13.01 20.85
CA GLN C 198 -27.56 13.88 21.74
C GLN C 198 -27.95 13.81 23.23
N ASN C 199 -28.95 13.00 23.56
CA ASN C 199 -29.16 12.66 24.96
C ASN C 199 -29.27 11.17 25.22
N ASP C 200 -28.63 10.37 24.37
CA ASP C 200 -28.48 8.95 24.63
C ASP C 200 -27.19 8.69 25.41
N GLU C 201 -27.33 8.05 26.58
CA GLU C 201 -26.22 7.86 27.53
C GLU C 201 -25.14 6.94 26.98
N MET C 202 -25.52 6.10 26.03
CA MET C 202 -24.61 5.18 25.36
C MET C 202 -23.27 5.82 25.04
N TRP C 203 -23.30 7.05 24.55
CA TRP C 203 -22.11 7.71 24.03
C TRP C 203 -21.33 8.41 25.13
N ARG C 204 -21.86 8.38 26.36
CA ARG C 204 -21.23 9.07 27.47
C ARG C 204 -20.65 8.11 28.52
N GLU C 205 -20.83 6.81 28.31
CA GLU C 205 -20.36 5.80 29.26
C GLU C 205 -18.99 5.24 28.88
N GLU C 206 -18.04 5.32 29.79
CA GLU C 206 -16.73 4.71 29.60
C GLU C 206 -16.82 3.22 29.89
N ILE C 207 -16.27 2.40 28.99
CA ILE C 207 -16.26 0.97 29.20
C ILE C 207 -15.09 0.58 30.09
N ALA C 208 -15.23 -0.53 30.82
CA ALA C 208 -14.22 -0.96 31.78
C ALA C 208 -13.16 -1.85 31.14
N GLY C 209 -13.47 -2.41 29.97
CA GLY C 209 -12.54 -3.30 29.31
C GLY C 209 -13.11 -3.89 28.03
N LEU C 210 -12.24 -4.53 27.25
CA LEU C 210 -12.66 -5.13 26.00
C LEU C 210 -13.21 -6.54 26.20
N THR C 211 -14.23 -6.65 27.03
CA THR C 211 -15.02 -7.87 27.12
C THR C 211 -15.74 -8.04 25.80
N ARG C 212 -16.24 -9.25 25.54
CA ARG C 212 -16.93 -9.51 24.29
C ARG C 212 -18.14 -8.58 24.04
N PRO C 213 -18.97 -8.35 25.07
CA PRO C 213 -20.07 -7.41 24.86
C PRO C 213 -19.57 -6.02 24.47
N ASN C 214 -18.47 -5.59 25.07
CA ASN C 214 -17.90 -4.28 24.78
C ASN C 214 -17.17 -4.23 23.43
N GLN C 215 -16.53 -5.33 23.05
CA GLN C 215 -15.92 -5.42 21.73
C GLN C 215 -17.01 -5.18 20.70
N ILE C 216 -18.14 -5.86 20.88
CA ILE C 216 -19.27 -5.78 19.96
C ILE C 216 -19.92 -4.40 19.96
N LEU C 217 -20.04 -3.81 21.14
CA LEU C 217 -20.62 -2.47 21.26
C LEU C 217 -19.84 -1.50 20.39
N LEU C 218 -18.51 -1.51 20.55
CA LEU C 218 -17.65 -0.58 19.83
C LEU C 218 -17.59 -0.85 18.32
N SER C 219 -17.46 -2.12 17.96
CA SER C 219 -17.34 -2.46 16.55
C SER C 219 -18.65 -2.28 15.79
N GLY C 220 -19.78 -2.36 16.49
CA GLY C 220 -21.09 -2.22 15.85
C GLY C 220 -21.64 -0.81 15.82
N ALA C 221 -20.99 0.11 16.53
CA ALA C 221 -21.50 1.47 16.71
C ALA C 221 -21.83 2.17 15.38
N TYR C 222 -20.97 2.00 14.39
CA TYR C 222 -21.10 2.72 13.11
C TYR C 222 -22.47 2.48 12.47
N GLN C 223 -23.06 1.32 12.76
CA GLN C 223 -24.35 0.99 12.18
C GLN C 223 -25.42 1.96 12.64
N ARG C 224 -25.32 2.42 13.88
CA ARG C 224 -26.30 3.34 14.45
C ARG C 224 -26.26 4.72 13.79
N LEU C 225 -25.19 5.01 13.06
CA LEU C 225 -25.01 6.35 12.51
C LEU C 225 -25.08 6.41 10.98
N GLN C 226 -25.15 5.26 10.35
CA GLN C 226 -25.24 5.23 8.89
C GLN C 226 -26.38 6.11 8.39
N GLY C 227 -26.11 6.90 7.36
CA GLY C 227 -27.11 7.79 6.79
C GLY C 227 -27.53 8.95 7.67
N ARG C 228 -26.77 9.25 8.71
CA ARG C 228 -27.14 10.30 9.65
C ARG C 228 -26.16 11.45 9.75
N VAL C 229 -24.99 11.28 9.13
CA VAL C 229 -23.92 12.26 9.30
C VAL C 229 -23.88 13.29 8.16
N GLN C 230 -23.77 14.56 8.52
CA GLN C 230 -23.60 15.62 7.54
C GLN C 230 -22.15 15.61 7.08
N PRO C 231 -21.87 16.12 5.88
CA PRO C 231 -20.51 16.08 5.33
C PRO C 231 -19.49 16.75 6.23
N GLY C 232 -19.84 17.91 6.79
CA GLY C 232 -18.94 18.64 7.66
C GLY C 232 -18.85 18.02 9.04
N GLU C 233 -19.66 16.99 9.28
CA GLU C 233 -19.72 16.37 10.61
C GLU C 233 -18.79 15.16 10.72
N ILE C 234 -18.10 14.82 9.64
CA ILE C 234 -17.00 13.86 9.78
C ILE C 234 -15.79 14.65 10.30
N SER C 235 -15.52 14.50 11.59
CA SER C 235 -14.59 15.38 12.29
C SER C 235 -13.14 14.93 12.19
N LEU C 236 -12.94 13.62 12.10
CA LEU C 236 -11.60 13.06 12.08
C LEU C 236 -11.62 11.66 11.48
N ALA C 237 -10.64 11.37 10.64
CA ALA C 237 -10.45 10.03 10.07
C ALA C 237 -9.09 9.54 10.56
N VAL C 238 -9.02 8.28 10.97
CA VAL C 238 -7.76 7.75 11.46
C VAL C 238 -7.42 6.45 10.73
N ALA C 239 -6.17 6.33 10.30
CA ALA C 239 -5.67 5.07 9.77
C ALA C 239 -4.61 4.54 10.73
N PHE C 240 -4.80 3.32 11.21
CA PHE C 240 -3.83 2.70 12.10
C PHE C 240 -2.93 1.76 11.32
N LYS C 241 -1.62 1.86 11.54
CA LYS C 241 -0.65 0.94 10.93
C LYS C 241 0.42 0.67 11.96
N ARG C 242 0.41 -0.53 12.54
CA ARG C 242 1.24 -0.78 13.73
C ARG C 242 2.70 -0.50 13.41
N SER C 243 3.12 -0.89 12.21
CA SER C 243 4.42 -0.50 11.71
C SER C 243 4.27 -0.02 10.26
N LEU C 244 5.30 0.67 9.76
CA LEU C 244 5.28 1.14 8.39
C LEU C 244 6.31 0.43 7.53
N ARG C 245 6.06 0.39 6.23
CA ARG C 245 7.06 0.09 5.21
C ARG C 245 6.81 1.14 4.14
N SER C 246 7.81 1.45 3.32
CA SER C 246 7.63 2.53 2.34
C SER C 246 6.45 2.28 1.41
N ASP C 247 6.19 1.02 1.09
CA ASP C 247 5.11 0.67 0.17
C ASP C 247 3.74 0.57 0.85
N ARG C 248 3.70 0.65 2.17
CA ARG C 248 2.43 0.54 2.89
C ARG C 248 1.93 1.89 3.44
N LEU C 249 2.23 2.98 2.74
CA LEU C 249 1.87 4.31 3.24
C LEU C 249 0.70 4.92 2.47
N TYR C 250 0.38 4.35 1.33
CA TYR C 250 -0.38 5.08 0.31
C TYR C 250 -1.89 4.95 0.37
N GLN C 251 -2.40 3.88 0.96
CA GLN C 251 -3.86 3.76 1.10
C GLN C 251 -4.48 4.92 1.90
N PRO C 252 -3.89 5.30 3.05
CA PRO C 252 -4.53 6.42 3.76
C PRO C 252 -4.33 7.72 2.99
N LEU C 253 -3.17 7.87 2.35
CA LEU C 253 -2.88 9.08 1.58
C LEU C 253 -3.86 9.22 0.41
N TYR C 254 -4.14 8.11 -0.27
CA TYR C 254 -5.11 8.15 -1.35
C TYR C 254 -6.54 8.34 -0.87
N GLU C 255 -6.96 7.59 0.15
CA GLU C 255 -8.31 7.75 0.65
C GLU C 255 -8.56 9.16 1.20
N ALA C 256 -7.56 9.73 1.87
CA ALA C 256 -7.69 11.08 2.39
C ALA C 256 -7.97 12.02 1.21
N ASN C 257 -7.24 11.83 0.12
CA ASN C 257 -7.43 12.63 -1.09
C ASN C 257 -8.84 12.54 -1.65
N VAL C 258 -9.37 11.32 -1.74
CA VAL C 258 -10.73 11.11 -2.23
C VAL C 258 -11.78 11.74 -1.29
N MET C 259 -11.63 11.54 0.02
CA MET C 259 -12.54 12.11 0.99
C MET C 259 -12.60 13.63 0.85
N GLN C 260 -11.43 14.24 0.67
CA GLN C 260 -11.31 15.68 0.54
C GLN C 260 -11.93 16.19 -0.77
N LEU C 261 -11.70 15.46 -1.86
CA LEU C 261 -12.30 15.82 -3.14
C LEU C 261 -13.82 15.81 -3.03
N LEU C 262 -14.36 14.72 -2.47
CA LEU C 262 -15.81 14.60 -2.33
C LEU C 262 -16.40 15.56 -1.30
N LEU C 263 -15.88 15.52 -0.08
CA LEU C 263 -16.45 16.32 1.01
C LEU C 263 -16.16 17.82 0.88
N GLU C 264 -14.91 18.18 0.62
CA GLU C 264 -14.55 19.58 0.49
C GLU C 264 -14.90 20.12 -0.89
N GLY C 265 -14.64 19.32 -1.92
CA GLY C 265 -14.80 19.77 -3.29
C GLY C 265 -16.23 19.70 -3.80
N LYS C 266 -16.94 18.63 -3.44
CA LYS C 266 -18.29 18.42 -3.94
C LYS C 266 -19.40 18.79 -2.94
N LEU C 267 -19.09 18.72 -1.65
CA LEU C 267 -20.12 18.90 -0.63
C LEU C 267 -19.89 20.11 0.29
N GLY C 268 -18.87 20.90 -0.01
CA GLY C 268 -18.61 22.14 0.72
C GLY C 268 -18.23 22.03 2.18
N ALA C 269 -17.69 20.89 2.60
CA ALA C 269 -17.24 20.73 3.97
C ALA C 269 -15.93 21.49 4.21
N PRO C 270 -15.64 21.82 5.48
CA PRO C 270 -14.34 22.39 5.83
C PRO C 270 -13.24 21.34 5.69
N LYS C 271 -12.01 21.71 6.00
CA LYS C 271 -10.86 20.82 5.85
C LYS C 271 -11.12 19.48 6.53
N VAL C 272 -10.98 18.40 5.77
CA VAL C 272 -11.16 17.05 6.32
C VAL C 272 -9.88 16.61 7.02
N GLU C 273 -9.98 16.33 8.31
CA GLU C 273 -8.84 15.94 9.12
C GLU C 273 -8.67 14.42 9.08
N PHE C 274 -7.51 13.98 8.62
CA PHE C 274 -7.22 12.56 8.43
C PHE C 274 -5.80 12.38 8.94
N GLU C 275 -5.62 11.49 9.90
CA GLU C 275 -4.29 11.24 10.44
C GLU C 275 -3.93 9.75 10.41
N VAL C 276 -2.64 9.47 10.56
CA VAL C 276 -2.15 8.10 10.57
C VAL C 276 -1.44 7.86 11.88
N HIS C 277 -1.72 6.73 12.51
CA HIS C 277 -1.07 6.34 13.75
C HIS C 277 -0.19 5.12 13.51
N THR C 278 1.02 5.14 14.06
CA THR C 278 1.89 3.98 13.99
C THR C 278 2.74 3.85 15.24
N LEU C 279 3.23 2.64 15.51
CA LEU C 279 4.15 2.41 16.61
C LEU C 279 5.60 2.32 16.14
N ALA C 280 5.78 2.19 14.82
CA ALA C 280 7.10 1.94 14.27
C ALA C 280 7.23 2.49 12.85
N PRO C 281 7.63 3.77 12.73
CA PRO C 281 7.71 4.46 11.44
C PRO C 281 8.90 3.99 10.60
N GLU C 282 9.85 3.29 11.21
CA GLU C 282 10.99 2.77 10.48
C GLU C 282 11.68 3.83 9.62
N GLY C 283 12.00 4.96 10.23
CA GLY C 283 12.67 6.03 9.50
C GLY C 283 11.91 7.34 9.51
N THR C 284 12.40 8.31 8.75
CA THR C 284 11.83 9.65 8.76
C THR C 284 11.08 9.93 7.47
N ASN C 285 11.19 9.00 6.52
CA ASN C 285 10.61 9.18 5.20
C ASN C 285 9.08 9.20 5.17
N ALA C 286 8.45 8.43 6.06
CA ALA C 286 6.98 8.40 6.11
C ALA C 286 6.46 9.77 6.51
N PHE C 287 7.21 10.47 7.37
CA PHE C 287 6.81 11.81 7.78
C PHE C 287 6.84 12.77 6.59
N VAL C 288 7.89 12.68 5.78
CA VAL C 288 8.01 13.48 4.57
C VAL C 288 6.90 13.16 3.60
N THR C 289 6.65 11.87 3.42
CA THR C 289 5.63 11.41 2.47
C THR C 289 4.29 12.00 2.83
N TYR C 290 4.02 12.08 4.14
CA TYR C 290 2.73 12.58 4.61
C TYR C 290 2.68 14.10 4.71
N GLU C 291 3.67 14.77 4.12
CA GLU C 291 3.62 16.24 4.05
C GLU C 291 2.90 16.67 2.78
N ALA C 292 2.45 15.70 2.00
CA ALA C 292 1.88 16.00 0.68
C ALA C 292 0.58 16.81 0.75
N ALA C 293 0.50 17.83 -0.10
CA ALA C 293 -0.69 18.65 -0.21
C ALA C 293 -1.81 17.81 -0.81
N SER C 294 -3.03 18.00 -0.33
CA SER C 294 -4.19 17.36 -0.92
C SER C 294 -4.24 17.82 -2.37
N LEU C 295 -4.53 16.89 -3.29
CA LEU C 295 -4.38 17.18 -4.71
C LEU C 295 -5.45 18.10 -5.27
N TYR C 296 -6.71 17.85 -4.90
CA TYR C 296 -7.83 18.57 -5.50
C TYR C 296 -7.65 20.07 -5.39
N GLY C 297 -7.34 20.54 -4.19
CA GLY C 297 -7.17 21.96 -3.92
C GLY C 297 -6.03 22.60 -4.68
N LEU C 298 -5.13 21.79 -5.24
CA LEU C 298 -4.00 22.34 -5.99
C LEU C 298 -4.43 22.88 -7.35
N ALA C 299 -5.66 22.58 -7.76
CA ALA C 299 -6.20 23.13 -9.00
C ALA C 299 -6.82 24.50 -8.72
N GLU C 300 -6.53 25.48 -9.58
CA GLU C 300 -7.07 26.81 -9.39
C GLU C 300 -8.58 26.80 -9.29
N GLY C 301 -9.12 27.55 -8.34
CA GLY C 301 -10.55 27.73 -8.21
C GLY C 301 -11.26 26.53 -7.63
N ARG C 302 -10.53 25.71 -6.88
CA ARG C 302 -11.15 24.59 -6.18
C ARG C 302 -11.16 24.87 -4.67
N SER C 303 -11.06 23.82 -3.85
CA SER C 303 -11.18 23.97 -2.41
C SER C 303 -9.87 24.42 -1.74
N ALA C 304 -9.87 24.47 -0.42
CA ALA C 304 -8.73 24.98 0.34
C ALA C 304 -7.49 24.11 0.18
N VAL C 305 -6.32 24.75 0.17
CA VAL C 305 -5.06 24.04 0.05
C VAL C 305 -4.51 23.69 1.44
N HIS C 306 -4.30 22.40 1.68
CA HIS C 306 -3.78 21.92 2.95
C HIS C 306 -3.23 20.51 2.77
N ARG C 307 -2.60 19.98 3.80
CA ARG C 307 -2.10 18.62 3.72
C ARG C 307 -3.25 17.64 3.56
N ALA C 308 -3.00 16.53 2.87
CA ALA C 308 -3.96 15.45 2.78
C ALA C 308 -4.06 14.77 4.14
N ILE C 309 -2.89 14.40 4.67
CA ILE C 309 -2.77 13.78 5.99
C ILE C 309 -2.24 14.82 6.96
N ARG C 310 -2.99 15.09 8.03
CA ARG C 310 -2.63 16.16 8.96
C ARG C 310 -1.36 15.87 9.74
N GLU C 311 -1.11 14.60 10.02
CA GLU C 311 -0.01 14.23 10.90
C GLU C 311 0.18 12.72 10.90
N LEU C 312 1.44 12.30 11.04
CA LEU C 312 1.74 10.91 11.37
C LEU C 312 2.08 10.88 12.86
N TYR C 313 1.22 10.23 13.63
CA TYR C 313 1.33 10.21 15.09
C TYR C 313 1.89 8.89 15.60
N VAL C 314 2.92 8.97 16.44
CA VAL C 314 3.51 7.81 17.07
C VAL C 314 3.27 7.87 18.59
N PRO C 315 2.15 7.29 19.05
CA PRO C 315 1.79 7.38 20.47
C PRO C 315 2.85 6.75 21.37
N PRO C 316 3.44 7.52 22.28
CA PRO C 316 4.41 6.91 23.21
C PRO C 316 3.72 6.09 24.30
N THR C 317 2.58 6.58 24.77
CA THR C 317 1.81 5.89 25.79
C THR C 317 0.33 5.98 25.46
N ALA C 318 -0.49 5.17 26.11
CA ALA C 318 -1.93 5.26 25.93
C ALA C 318 -2.44 6.60 26.47
N ALA C 319 -1.85 7.05 27.56
CA ALA C 319 -2.22 8.34 28.14
C ALA C 319 -1.99 9.49 27.16
N ASP C 320 -0.91 9.42 26.40
CA ASP C 320 -0.60 10.43 25.38
C ASP C 320 -1.61 10.43 24.23
N LEU C 321 -2.01 9.23 23.80
CA LEU C 321 -3.06 9.10 22.79
C LEU C 321 -4.36 9.76 23.27
N ALA C 322 -4.73 9.48 24.52
CA ALA C 322 -5.90 10.13 25.12
C ALA C 322 -5.74 11.65 25.21
N ARG C 323 -4.62 12.11 25.73
CA ARG C 323 -4.37 13.55 25.85
C ARG C 323 -4.50 14.27 24.50
N ARG C 324 -3.93 13.64 23.47
CA ARG C 324 -3.89 14.23 22.13
C ARG C 324 -5.28 14.28 21.51
N PHE C 325 -6.08 13.24 21.73
CA PHE C 325 -7.44 13.23 21.18
C PHE C 325 -8.33 14.27 21.88
N PHE C 326 -8.23 14.36 23.20
CA PHE C 326 -8.94 15.41 23.93
C PHE C 326 -8.56 16.79 23.37
N ALA C 327 -7.27 17.03 23.24
CA ALA C 327 -6.78 18.32 22.72
C ALA C 327 -7.30 18.57 21.32
N PHE C 328 -7.38 17.52 20.51
CA PHE C 328 -7.92 17.66 19.16
C PHE C 328 -9.39 18.07 19.19
N LEU C 329 -10.17 17.41 20.04
CA LEU C 329 -11.61 17.71 20.12
C LEU C 329 -11.79 19.14 20.61
N ASN C 330 -10.94 19.55 21.55
CA ASN C 330 -10.99 20.90 22.10
C ASN C 330 -10.89 21.94 20.98
N GLU C 331 -10.06 21.66 19.98
CA GLU C 331 -9.88 22.58 18.85
C GLU C 331 -10.96 22.39 17.80
N ARG C 332 -11.06 21.17 17.26
CA ARG C 332 -11.96 20.88 16.16
C ARG C 332 -13.43 21.20 16.45
N MET C 333 -13.87 20.90 17.67
CA MET C 333 -15.29 21.06 18.02
C MET C 333 -15.69 22.52 18.22
N GLU C 334 -14.71 23.41 18.30
CA GLU C 334 -15.01 24.84 18.32
C GLU C 334 -15.64 25.28 17.00
N LEU C 335 -15.44 24.51 15.94
CA LEU C 335 -16.04 24.84 14.64
C LEU C 335 -17.54 24.53 14.64
N VAL C 336 -17.96 23.72 15.61
CA VAL C 336 -19.37 23.36 15.73
C VAL C 336 -20.08 24.34 16.65
N ASN C 337 -21.16 24.94 16.14
CA ASN C 337 -21.96 25.89 16.92
C ASN C 337 -22.52 25.25 18.18
N GLY C 338 -22.35 25.92 19.31
CA GLY C 338 -22.88 25.44 20.58
C GLY C 338 -24.39 25.29 20.57
N PRO D 1 19.85 -24.23 -15.33
CA PRO D 1 19.13 -23.76 -16.52
C PRO D 1 17.65 -23.58 -16.20
N PHE D 2 16.83 -23.23 -17.20
CA PHE D 2 15.40 -23.07 -16.95
C PHE D 2 14.81 -24.36 -16.36
N THR D 3 15.10 -25.49 -17.00
CA THR D 3 14.74 -26.79 -16.45
C THR D 3 15.85 -27.22 -15.49
N TYR D 4 15.49 -27.59 -14.27
CA TYR D 4 16.49 -27.93 -13.27
C TYR D 4 17.45 -29.00 -13.79
N SER D 5 18.73 -28.81 -13.50
CA SER D 5 19.75 -29.79 -13.87
C SER D 5 20.66 -30.13 -12.69
N ILE D 6 20.65 -31.39 -12.28
CA ILE D 6 21.52 -31.82 -11.20
C ILE D 6 22.98 -31.52 -11.54
N GLU D 7 23.36 -31.78 -12.80
CA GLU D 7 24.73 -31.56 -13.23
C GLU D 7 25.15 -30.09 -13.12
N ALA D 8 24.40 -29.21 -13.80
CA ALA D 8 24.71 -27.78 -13.81
C ALA D 8 24.82 -27.26 -12.38
N THR D 9 23.98 -27.79 -11.49
CA THR D 9 24.02 -27.38 -10.09
C THR D 9 25.33 -27.79 -9.46
N ARG D 10 25.83 -28.98 -9.81
CA ARG D 10 27.13 -29.44 -9.34
C ARG D 10 28.26 -28.53 -9.82
N ASN D 11 28.18 -28.12 -11.08
CA ASN D 11 29.21 -27.26 -11.66
C ASN D 11 29.30 -25.90 -10.96
N LEU D 12 28.28 -25.54 -10.21
CA LEU D 12 28.24 -24.24 -9.54
C LEU D 12 29.25 -24.15 -8.40
N ALA D 13 30.03 -23.06 -8.39
CA ALA D 13 30.79 -22.73 -7.20
C ALA D 13 29.78 -22.48 -6.08
N THR D 14 30.12 -22.80 -4.84
CA THR D 14 29.17 -22.69 -3.74
C THR D 14 28.60 -21.27 -3.61
N THR D 15 29.38 -20.27 -4.02
CA THR D 15 28.95 -18.88 -3.96
C THR D 15 27.98 -18.55 -5.09
N GLU D 16 27.79 -19.51 -5.99
CA GLU D 16 26.89 -19.34 -7.12
C GLU D 16 25.59 -20.11 -6.91
N ARG D 17 25.57 -20.95 -5.88
CA ARG D 17 24.40 -21.76 -5.59
C ARG D 17 23.18 -20.90 -5.30
N CYS D 18 21.99 -21.46 -5.55
CA CYS D 18 20.74 -20.72 -5.39
C CYS D 18 20.32 -20.67 -3.92
N ILE D 19 20.78 -21.64 -3.15
CA ILE D 19 20.51 -21.65 -1.71
C ILE D 19 21.82 -21.49 -0.94
N GLN D 20 21.94 -20.39 -0.20
CA GLN D 20 23.11 -20.16 0.64
C GLN D 20 22.86 -20.61 2.08
N ASP D 21 23.64 -21.59 2.52
CA ASP D 21 23.59 -22.06 3.90
C ASP D 21 24.31 -21.08 4.81
N ILE D 22 23.57 -20.45 5.72
CA ILE D 22 24.16 -19.51 6.67
C ILE D 22 23.93 -19.95 8.11
N ARG D 23 23.63 -21.22 8.28
CA ARG D 23 23.41 -21.79 9.61
C ARG D 23 24.55 -21.54 10.60
N ASN D 24 25.75 -21.34 10.07
CA ASN D 24 26.91 -21.09 10.91
C ASN D 24 27.55 -19.73 10.60
N ALA D 25 26.84 -18.94 9.80
CA ALA D 25 27.21 -17.56 9.55
C ALA D 25 25.93 -16.74 9.51
N PRO D 26 25.23 -16.68 10.65
CA PRO D 26 23.91 -16.06 10.74
C PRO D 26 23.95 -14.59 10.35
N VAL D 27 22.82 -14.08 9.85
CA VAL D 27 22.67 -12.65 9.68
C VAL D 27 22.37 -12.05 11.06
N ARG D 28 23.04 -10.95 11.39
CA ARG D 28 22.86 -10.29 12.67
C ARG D 28 21.39 -10.11 13.01
N ASN D 29 21.01 -10.59 14.19
CA ASN D 29 19.64 -10.44 14.69
C ASN D 29 18.62 -11.34 14.01
N ARG D 30 19.06 -12.18 13.08
CA ARG D 30 18.14 -13.03 12.34
C ARG D 30 18.36 -14.50 12.58
N SER D 31 17.27 -15.26 12.57
CA SER D 31 17.34 -16.70 12.77
C SER D 31 17.24 -17.43 11.45
N THR D 32 17.40 -16.68 10.36
CA THR D 32 17.41 -17.26 9.02
C THR D 32 18.47 -18.35 8.94
N GLN D 33 18.08 -19.53 8.46
CA GLN D 33 19.03 -20.63 8.30
C GLN D 33 19.55 -20.72 6.87
N PHE D 34 18.63 -20.63 5.90
CA PHE D 34 19.02 -20.66 4.48
C PHE D 34 18.51 -19.41 3.77
N GLN D 35 19.35 -18.85 2.90
CA GLN D 35 18.97 -17.67 2.13
C GLN D 35 18.64 -17.99 0.67
N LEU D 36 17.63 -17.31 0.15
CA LEU D 36 17.30 -17.42 -1.27
C LEU D 36 18.17 -16.47 -2.06
N ALA D 37 19.21 -17.00 -2.69
CA ALA D 37 20.16 -16.19 -3.44
C ALA D 37 19.54 -15.76 -4.78
N GLN D 38 18.84 -14.64 -4.73
CA GLN D 38 17.99 -14.17 -5.82
C GLN D 38 18.74 -13.91 -7.14
N GLN D 39 19.90 -13.27 -7.06
CA GLN D 39 20.66 -13.00 -8.29
C GLN D 39 21.25 -14.27 -8.86
N ASN D 40 21.62 -15.20 -7.97
CA ASN D 40 22.09 -16.51 -8.41
C ASN D 40 20.97 -17.27 -9.08
N MET D 41 19.77 -17.13 -8.52
CA MET D 41 18.61 -17.85 -9.04
C MET D 41 18.24 -17.38 -10.43
N LEU D 42 18.38 -16.07 -10.68
CA LEU D 42 18.12 -15.51 -12.00
C LEU D 42 19.12 -16.01 -13.05
N ALA D 43 20.39 -16.06 -12.67
CA ALA D 43 21.44 -16.55 -13.56
C ALA D 43 21.25 -18.03 -13.88
N TYR D 44 20.93 -18.82 -12.87
CA TYR D 44 20.73 -20.26 -13.05
C TYR D 44 19.50 -20.56 -13.90
N THR D 45 18.39 -19.89 -13.58
CA THR D 45 17.13 -20.19 -14.24
C THR D 45 16.99 -19.46 -15.59
N PHE D 46 17.50 -18.23 -15.67
CA PHE D 46 17.29 -17.42 -16.88
C PHE D 46 18.59 -16.95 -17.54
N GLY D 47 19.71 -17.57 -17.16
CA GLY D 47 21.00 -17.21 -17.71
C GLY D 47 21.04 -17.21 -19.23
N GLU D 48 20.25 -18.08 -19.84
CA GLU D 48 20.23 -18.19 -21.29
C GLU D 48 18.81 -18.06 -21.81
N VAL D 49 17.93 -17.51 -21.00
CA VAL D 49 16.53 -17.44 -21.37
C VAL D 49 15.90 -16.11 -20.99
N ILE D 50 15.42 -15.38 -21.99
CA ILE D 50 14.49 -14.28 -21.75
C ILE D 50 13.13 -14.71 -22.29
N PRO D 51 12.17 -14.95 -21.40
CA PRO D 51 10.86 -15.44 -21.86
C PRO D 51 10.26 -14.50 -22.90
N GLY D 52 9.61 -15.06 -23.91
CA GLY D 52 9.08 -14.28 -25.02
C GLY D 52 10.09 -14.17 -26.14
N PHE D 53 11.36 -14.42 -25.82
CA PHE D 53 12.45 -14.32 -26.79
C PHE D 53 13.31 -15.59 -26.80
N ALA D 54 12.75 -16.68 -26.28
CA ALA D 54 13.46 -17.93 -26.16
C ALA D 54 12.74 -19.02 -26.95
N SER D 55 12.78 -20.26 -26.46
CA SER D 55 12.13 -21.35 -27.18
C SER D 55 10.62 -21.15 -27.18
N ALA D 56 9.95 -21.76 -28.14
CA ALA D 56 8.50 -21.61 -28.31
C ALA D 56 7.74 -22.04 -27.05
N GLY D 57 8.22 -23.09 -26.41
CA GLY D 57 7.56 -23.62 -25.22
C GLY D 57 7.58 -22.65 -24.04
N ILE D 58 8.72 -22.00 -23.85
CA ILE D 58 8.87 -21.02 -22.77
C ILE D 58 8.09 -19.75 -23.07
N ASN D 59 8.12 -19.31 -24.33
CA ASN D 59 7.39 -18.12 -24.75
C ASN D 59 5.89 -18.27 -24.54
N GLY D 60 5.39 -19.49 -24.70
CA GLY D 60 3.95 -19.73 -24.66
C GLY D 60 3.49 -20.32 -23.35
N MET D 61 4.43 -20.55 -22.43
CA MET D 61 4.13 -21.17 -21.16
C MET D 61 3.34 -20.22 -20.27
N ASP D 62 2.48 -20.76 -19.40
CA ASP D 62 1.78 -19.94 -18.41
C ASP D 62 2.80 -19.06 -17.70
N TYR D 63 2.63 -17.75 -17.79
CA TYR D 63 3.63 -16.82 -17.24
C TYR D 63 3.87 -17.04 -15.74
N ARG D 64 2.84 -17.51 -15.03
CA ARG D 64 2.97 -17.81 -13.61
C ARG D 64 4.01 -18.89 -13.38
N ASP D 65 4.04 -19.90 -14.26
CA ASP D 65 5.01 -20.98 -14.11
C ASP D 65 6.40 -20.48 -14.45
N VAL D 66 6.49 -19.56 -15.40
CA VAL D 66 7.77 -19.00 -15.79
C VAL D 66 8.36 -18.20 -14.64
N ILE D 67 7.56 -17.31 -14.07
CA ILE D 67 8.03 -16.48 -12.97
C ILE D 67 8.26 -17.35 -11.73
N GLY D 68 7.47 -18.41 -11.59
CA GLY D 68 7.59 -19.28 -10.43
C GLY D 68 8.76 -20.27 -10.49
N ARG D 69 9.47 -20.28 -11.62
CA ARG D 69 10.49 -21.30 -11.86
C ARG D 69 11.75 -21.15 -10.99
N PRO D 70 12.28 -19.93 -10.85
CA PRO D 70 13.49 -19.76 -10.04
C PRO D 70 13.31 -20.26 -8.61
N VAL D 71 12.20 -19.95 -7.96
CA VAL D 71 11.98 -20.42 -6.59
C VAL D 71 11.81 -21.94 -6.56
N GLU D 72 11.10 -22.49 -7.55
CA GLU D 72 10.96 -23.93 -7.63
C GLU D 72 12.33 -24.59 -7.82
N ASN D 73 13.15 -24.02 -8.71
CA ASN D 73 14.50 -24.54 -8.89
C ASN D 73 15.32 -24.42 -7.61
N ALA D 74 15.13 -23.33 -6.89
CA ALA D 74 15.90 -23.08 -5.67
C ALA D 74 15.56 -24.08 -4.59
N VAL D 75 14.26 -24.36 -4.44
CA VAL D 75 13.78 -25.30 -3.44
C VAL D 75 14.30 -26.70 -3.73
N THR D 76 14.35 -27.04 -5.01
CA THR D 76 14.88 -28.33 -5.44
C THR D 76 16.35 -28.47 -5.03
N GLU D 77 17.16 -27.47 -5.35
CA GLU D 77 18.57 -27.47 -4.94
C GLU D 77 18.73 -27.58 -3.43
N GLY D 78 17.96 -26.78 -2.69
CA GLY D 78 18.01 -26.81 -1.24
C GLY D 78 17.69 -28.17 -0.67
N THR D 79 16.60 -28.76 -1.14
CA THR D 79 16.19 -30.09 -0.71
C THR D 79 17.26 -31.13 -1.06
N HIS D 80 17.97 -30.90 -2.17
CA HIS D 80 19.04 -31.80 -2.58
C HIS D 80 20.19 -31.79 -1.57
N PHE D 81 20.73 -30.61 -1.29
CA PHE D 81 21.91 -30.47 -0.44
C PHE D 81 21.62 -30.60 1.06
N PHE D 82 20.40 -30.32 1.47
CA PHE D 82 20.11 -30.16 2.90
C PHE D 82 18.93 -30.98 3.41
N ARG D 83 18.17 -31.58 2.49
CA ARG D 83 17.13 -32.53 2.88
C ARG D 83 16.07 -31.92 3.81
N ASP D 84 15.83 -32.59 4.93
CA ASP D 84 14.79 -32.18 5.87
C ASP D 84 15.19 -30.96 6.70
N ASP D 85 16.46 -30.61 6.63
CA ASP D 85 16.96 -29.40 7.28
C ASP D 85 16.58 -28.14 6.51
N PHE D 86 16.35 -28.29 5.20
CA PHE D 86 16.07 -27.14 4.36
C PHE D 86 14.74 -26.48 4.69
N ARG D 87 14.78 -25.19 4.96
CA ARG D 87 13.57 -24.45 5.32
C ARG D 87 13.72 -22.96 5.00
N VAL D 88 12.66 -22.36 4.47
CA VAL D 88 12.65 -20.90 4.25
C VAL D 88 11.30 -20.27 4.59
N ASP D 89 11.34 -19.11 5.23
CA ASP D 89 10.13 -18.36 5.60
C ASP D 89 9.33 -18.01 4.36
N SER D 90 8.01 -17.92 4.49
CA SER D 90 7.19 -17.49 3.36
C SER D 90 7.59 -16.06 2.96
N ASN D 91 8.07 -15.29 3.93
CA ASN D 91 8.47 -13.91 3.65
C ASN D 91 9.73 -13.83 2.78
N ALA D 92 10.56 -14.87 2.82
CA ALA D 92 11.69 -14.92 1.90
C ALA D 92 11.21 -15.16 0.47
N LYS D 93 10.28 -16.09 0.32
CA LYS D 93 9.69 -16.39 -0.98
C LYS D 93 8.93 -15.19 -1.54
N ALA D 94 8.20 -14.50 -0.67
CA ALA D 94 7.47 -13.30 -1.08
C ALA D 94 8.40 -12.26 -1.66
N LYS D 95 9.45 -11.93 -0.90
CA LYS D 95 10.42 -10.95 -1.34
C LYS D 95 11.06 -11.35 -2.67
N VAL D 96 11.55 -12.58 -2.76
CA VAL D 96 12.26 -13.01 -3.96
C VAL D 96 11.34 -13.13 -5.18
N ALA D 97 10.16 -13.72 -4.99
CA ALA D 97 9.20 -13.89 -6.09
C ALA D 97 8.81 -12.54 -6.68
N GLY D 98 8.66 -11.54 -5.82
CA GLY D 98 8.32 -10.19 -6.26
C GLY D 98 9.41 -9.62 -7.14
N ASP D 99 10.67 -9.72 -6.68
CA ASP D 99 11.79 -9.27 -7.50
C ASP D 99 11.88 -10.02 -8.83
N ILE D 100 11.68 -11.34 -8.80
CA ILE D 100 11.72 -12.12 -10.04
C ILE D 100 10.69 -11.62 -11.04
N PHE D 101 9.47 -11.39 -10.58
CA PHE D 101 8.39 -10.92 -11.44
C PHE D 101 8.80 -9.62 -12.12
N GLU D 102 9.27 -8.69 -11.31
CA GLU D 102 9.66 -7.38 -11.82
C GLU D 102 10.84 -7.47 -12.78
N ILE D 103 11.91 -8.13 -12.33
CA ILE D 103 13.14 -8.18 -13.11
C ILE D 103 12.97 -8.94 -14.42
N VAL D 104 12.30 -10.09 -14.37
CA VAL D 104 12.08 -10.85 -15.59
C VAL D 104 11.20 -10.07 -16.56
N SER D 105 10.09 -9.53 -16.07
CA SER D 105 9.17 -8.77 -16.90
C SER D 105 9.89 -7.58 -17.55
N SER D 106 10.74 -6.92 -16.76
CA SER D 106 11.52 -5.79 -17.26
C SER D 106 12.50 -6.19 -18.35
N ALA D 107 13.08 -7.38 -18.20
CA ALA D 107 13.99 -7.92 -19.21
C ALA D 107 13.23 -8.20 -20.50
N VAL D 108 12.02 -8.74 -20.36
CA VAL D 108 11.17 -8.98 -21.54
C VAL D 108 10.95 -7.66 -22.27
N MET D 109 10.60 -6.61 -21.51
CA MET D 109 10.37 -5.31 -22.11
C MET D 109 11.64 -4.71 -22.70
N TRP D 110 12.78 -4.98 -22.06
CA TRP D 110 14.07 -4.52 -22.57
C TRP D 110 14.31 -5.08 -23.97
N ASN D 111 14.11 -6.39 -24.12
CA ASN D 111 14.29 -6.98 -25.45
C ASN D 111 13.26 -6.45 -26.44
N CYS D 112 12.04 -6.21 -25.98
CA CYS D 112 11.04 -5.59 -26.83
C CYS D 112 11.57 -4.24 -27.33
N ALA D 113 12.09 -3.43 -26.41
CA ALA D 113 12.63 -2.13 -26.78
C ALA D 113 13.75 -2.29 -27.82
N ALA D 114 14.63 -3.25 -27.60
CA ALA D 114 15.72 -3.51 -28.54
C ALA D 114 15.18 -3.78 -29.95
N ARG D 115 14.19 -4.67 -30.05
CA ARG D 115 13.66 -5.06 -31.36
C ARG D 115 12.94 -3.89 -32.02
N TRP D 116 12.17 -3.15 -31.23
CA TRP D 116 11.49 -1.95 -31.68
C TRP D 116 12.50 -0.96 -32.22
N ASN D 117 13.56 -0.73 -31.45
CA ASN D 117 14.57 0.23 -31.86
C ASN D 117 15.27 -0.16 -33.16
N SER D 118 15.59 -1.44 -33.30
CA SER D 118 16.22 -1.93 -34.53
C SER D 118 15.30 -1.65 -35.72
N LEU D 119 14.01 -1.91 -35.55
CA LEU D 119 13.02 -1.54 -36.55
C LEU D 119 13.04 -0.03 -36.82
N MET D 120 13.06 0.77 -35.76
CA MET D 120 12.98 2.22 -35.91
C MET D 120 14.14 2.80 -36.72
N VAL D 121 15.33 2.20 -36.60
CA VAL D 121 16.52 2.71 -37.29
C VAL D 121 16.65 2.12 -38.69
N GLY D 122 15.62 1.40 -39.13
CA GLY D 122 15.55 0.92 -40.49
C GLY D 122 16.10 -0.48 -40.74
N GLU D 123 16.36 -1.24 -39.68
CA GLU D 123 16.98 -2.56 -39.82
C GLU D 123 15.98 -3.69 -40.06
N GLY D 124 14.71 -3.35 -40.24
CA GLY D 124 13.69 -4.35 -40.44
C GLY D 124 13.21 -4.94 -39.12
N TRP D 125 12.29 -5.89 -39.21
CA TRP D 125 11.64 -6.50 -38.05
C TRP D 125 12.21 -7.90 -37.82
N ARG D 126 13.04 -8.04 -36.79
CA ARG D 126 13.53 -9.36 -36.40
C ARG D 126 12.35 -10.33 -36.32
N SER D 127 12.46 -11.49 -36.95
N SER D 127 12.50 -11.49 -36.95
CA SER D 127 11.30 -12.36 -37.08
CA SER D 127 11.37 -12.41 -37.17
C SER D 127 11.37 -13.67 -36.29
C SER D 127 11.33 -13.60 -36.21
N GLN D 128 12.36 -13.79 -35.41
CA GLN D 128 12.39 -14.91 -34.47
C GLN D 128 12.56 -14.45 -33.01
N PRO D 129 11.60 -14.78 -32.14
CA PRO D 129 10.29 -15.38 -32.42
C PRO D 129 9.46 -14.43 -33.27
N ARG D 130 8.31 -14.89 -33.76
CA ARG D 130 7.52 -14.07 -34.67
C ARG D 130 6.38 -13.32 -33.98
N TYR D 131 6.45 -11.99 -34.03
CA TYR D 131 5.40 -11.11 -33.51
C TYR D 131 4.88 -10.25 -34.65
N SER D 132 3.69 -9.69 -34.50
CA SER D 132 3.14 -8.83 -35.53
C SER D 132 4.04 -7.62 -35.77
N ARG D 133 4.27 -7.29 -37.04
CA ARG D 133 5.13 -6.19 -37.41
C ARG D 133 4.42 -4.85 -37.17
N PRO D 134 5.04 -3.96 -36.39
CA PRO D 134 4.44 -2.64 -36.16
C PRO D 134 4.21 -1.91 -37.48
N THR D 135 3.16 -1.10 -37.53
CA THR D 135 2.80 -0.38 -38.75
C THR D 135 3.30 1.06 -38.73
N LEU D 136 3.61 1.56 -37.53
CA LEU D 136 4.09 2.92 -37.38
C LEU D 136 5.36 3.17 -38.21
N SER D 137 5.40 4.30 -38.91
CA SER D 137 6.55 4.65 -39.72
C SER D 137 7.84 4.71 -38.90
N PRO D 138 8.83 3.90 -39.29
CA PRO D 138 10.12 3.85 -38.58
C PRO D 138 10.82 5.21 -38.51
N SER D 139 11.39 5.52 -37.35
CA SER D 139 12.24 6.70 -37.21
C SER D 139 13.19 6.54 -36.04
N PRO D 140 14.45 6.95 -36.21
CA PRO D 140 15.41 6.91 -35.11
C PRO D 140 14.89 7.69 -33.90
N ARG D 141 14.05 8.69 -34.16
CA ARG D 141 13.55 9.54 -33.10
C ARG D 141 12.44 8.85 -32.29
N ARG D 142 11.98 7.70 -32.78
CA ARG D 142 10.92 6.96 -32.11
C ARG D 142 11.45 5.76 -31.32
N GLN D 143 12.74 5.78 -31.01
CA GLN D 143 13.38 4.73 -30.23
C GLN D 143 13.07 4.98 -28.76
N VAL D 144 12.99 3.91 -27.97
CA VAL D 144 12.72 4.03 -26.55
C VAL D 144 13.73 3.26 -25.73
N ALA D 145 13.81 3.62 -24.45
CA ALA D 145 14.68 2.94 -23.52
C ALA D 145 13.79 2.45 -22.40
N VAL D 146 14.01 1.20 -21.98
CA VAL D 146 13.26 0.61 -20.87
C VAL D 146 14.11 0.69 -19.62
N LEU D 147 13.61 1.40 -18.61
CA LEU D 147 14.39 1.69 -17.42
C LEU D 147 13.79 1.07 -16.18
N ASN D 148 14.40 -0.01 -15.72
CA ASN D 148 14.09 -0.57 -14.41
C ASN D 148 14.62 0.40 -13.35
N LEU D 149 13.72 1.09 -12.64
CA LEU D 149 14.14 2.15 -11.72
C LEU D 149 14.54 1.59 -10.36
N PRO D 150 15.53 2.20 -9.69
CA PRO D 150 16.02 1.56 -8.46
C PRO D 150 15.27 1.97 -7.19
N ARG D 151 15.60 1.33 -6.07
CA ARG D 151 15.04 1.74 -4.79
C ARG D 151 15.46 3.18 -4.50
N SER D 152 14.61 3.92 -3.78
CA SER D 152 14.90 5.29 -3.40
C SER D 152 14.95 6.24 -4.59
N PHE D 153 14.52 5.78 -5.74
CA PHE D 153 14.55 6.63 -6.92
C PHE D 153 13.44 7.66 -6.89
N ASP D 154 13.70 8.83 -7.47
CA ASP D 154 12.70 9.86 -7.67
C ASP D 154 12.60 10.09 -9.18
N TRP D 155 11.43 9.87 -9.77
CA TRP D 155 11.34 9.86 -11.22
C TRP D 155 11.67 11.22 -11.83
N VAL D 156 11.44 12.28 -11.05
CA VAL D 156 11.77 13.63 -11.49
C VAL D 156 13.22 13.76 -11.96
N SER D 157 14.11 12.96 -11.39
CA SER D 157 15.53 13.04 -11.70
C SER D 157 15.84 12.61 -13.14
N LEU D 158 14.87 11.98 -13.80
CA LEU D 158 14.98 11.63 -15.20
C LEU D 158 14.94 12.87 -16.08
N LEU D 159 14.26 13.91 -15.60
CA LEU D 159 13.92 15.06 -16.45
C LEU D 159 15.10 15.97 -16.76
N VAL D 160 15.01 16.71 -17.87
CA VAL D 160 15.99 17.72 -18.19
C VAL D 160 15.95 18.78 -17.09
N PRO D 161 17.10 19.38 -16.77
CA PRO D 161 17.19 20.32 -15.64
C PRO D 161 16.10 21.39 -15.68
N GLU D 162 15.80 21.86 -16.88
CA GLU D 162 14.82 22.92 -17.07
C GLU D 162 13.45 22.51 -16.53
N SER D 163 13.10 21.25 -16.73
CA SER D 163 11.81 20.74 -16.26
C SER D 163 11.87 20.44 -14.78
N GLN D 164 13.03 20.03 -14.30
CA GLN D 164 13.21 19.82 -12.86
C GLN D 164 13.06 21.14 -12.11
N GLU D 165 13.56 22.22 -12.70
CA GLU D 165 13.45 23.55 -12.10
C GLU D 165 12.01 24.00 -11.96
N VAL D 166 11.19 23.72 -12.97
CA VAL D 166 9.78 24.06 -12.88
C VAL D 166 9.16 23.38 -11.66
N ILE D 167 9.46 22.10 -11.48
CA ILE D 167 8.88 21.32 -10.39
C ILE D 167 9.37 21.80 -9.03
N GLU D 168 10.66 22.12 -8.94
CA GLU D 168 11.20 22.66 -7.70
C GLU D 168 10.59 23.99 -7.30
N GLU D 169 10.38 24.86 -8.28
CA GLU D 169 9.75 26.15 -8.01
C GLU D 169 8.32 25.94 -7.49
N PHE D 170 7.61 24.99 -8.07
CA PHE D 170 6.26 24.68 -7.61
C PHE D 170 6.29 24.19 -6.17
N ARG D 171 7.23 23.30 -5.87
CA ARG D 171 7.36 22.74 -4.53
C ARG D 171 7.87 23.75 -3.52
N ALA D 172 8.69 24.69 -4.00
CA ALA D 172 9.19 25.76 -3.15
C ALA D 172 8.03 26.51 -2.52
N GLY D 173 7.06 26.89 -3.35
CA GLY D 173 5.88 27.56 -2.88
C GLY D 173 5.13 26.74 -1.86
N LEU D 174 5.03 25.43 -2.10
CA LEU D 174 4.32 24.55 -1.19
C LEU D 174 5.03 24.46 0.15
N ARG D 175 6.35 24.34 0.14
CA ARG D 175 7.14 24.27 1.37
C ARG D 175 7.02 25.53 2.20
N LYS D 176 6.75 26.65 1.55
CA LYS D 176 6.59 27.92 2.26
C LYS D 176 5.32 27.87 3.09
N ASP D 177 4.38 27.03 2.67
CA ASP D 177 3.10 26.91 3.34
C ASP D 177 3.05 25.66 4.21
N GLY D 178 4.20 25.06 4.47
CA GLY D 178 4.27 23.85 5.27
C GLY D 178 3.73 22.63 4.54
N LEU D 179 3.72 22.68 3.22
CA LEU D 179 3.21 21.58 2.41
C LEU D 179 4.30 20.96 1.56
N GLY D 180 3.91 20.12 0.62
CA GLY D 180 4.85 19.53 -0.31
C GLY D 180 4.14 18.65 -1.31
N LEU D 181 4.92 18.03 -2.18
CA LEU D 181 4.37 17.07 -3.12
C LEU D 181 5.48 16.13 -3.56
N PRO D 182 5.96 15.29 -2.63
CA PRO D 182 7.05 14.37 -2.91
C PRO D 182 6.68 13.45 -4.07
N THR D 183 7.70 12.94 -4.73
CA THR D 183 7.53 11.98 -5.80
C THR D 183 8.32 10.74 -5.43
N SER D 184 7.74 9.57 -5.66
CA SER D 184 8.49 8.33 -5.50
C SER D 184 8.88 7.83 -6.88
N THR D 185 8.37 6.66 -7.27
CA THR D 185 8.79 6.08 -8.53
C THR D 185 7.92 4.89 -8.91
N PRO D 186 7.62 4.75 -10.21
CA PRO D 186 7.09 3.46 -10.66
C PRO D 186 8.23 2.44 -10.63
N ASP D 187 7.93 1.15 -10.83
CA ASP D 187 8.99 0.16 -10.88
C ASP D 187 9.86 0.39 -12.10
N LEU D 188 9.21 0.89 -13.13
CA LEU D 188 9.83 0.92 -14.44
C LEU D 188 9.25 2.06 -15.22
N ALA D 189 10.09 2.68 -16.05
CA ALA D 189 9.64 3.72 -16.96
C ALA D 189 10.19 3.45 -18.34
N VAL D 190 9.36 3.67 -19.35
CA VAL D 190 9.77 3.61 -20.73
C VAL D 190 9.85 5.04 -21.19
N VAL D 191 11.00 5.46 -21.72
CA VAL D 191 11.16 6.84 -22.17
C VAL D 191 11.71 6.90 -23.59
N VAL D 192 11.36 7.97 -24.31
CA VAL D 192 11.92 8.19 -25.63
C VAL D 192 13.43 8.32 -25.49
N LEU D 193 14.18 7.68 -26.38
CA LEU D 193 15.63 7.80 -26.36
C LEU D 193 16.03 9.24 -26.71
N PRO D 194 16.90 9.86 -25.90
CA PRO D 194 17.44 11.19 -26.19
C PRO D 194 18.19 11.18 -27.52
N GLU D 195 18.06 12.25 -28.31
CA GLU D 195 18.69 12.28 -29.63
C GLU D 195 20.17 11.96 -29.56
N GLU D 196 20.80 12.40 -28.48
CA GLU D 196 22.21 12.12 -28.21
C GLU D 196 22.55 10.63 -28.28
N PHE D 197 21.56 9.77 -28.03
CA PHE D 197 21.80 8.33 -27.92
C PHE D 197 21.20 7.54 -29.08
N GLN D 198 20.63 8.22 -30.06
CA GLN D 198 19.81 7.54 -31.07
C GLN D 198 20.61 6.76 -32.11
N ASN D 199 21.94 6.80 -32.03
CA ASN D 199 22.75 5.92 -32.86
C ASN D 199 23.70 5.09 -32.02
N ASP D 200 23.36 4.92 -30.74
CA ASP D 200 24.11 4.01 -29.87
C ASP D 200 23.45 2.64 -29.89
N GLU D 201 24.23 1.61 -30.21
CA GLU D 201 23.66 0.30 -30.52
C GLU D 201 23.23 -0.53 -29.32
N MET D 202 23.72 -0.19 -28.13
CA MET D 202 23.34 -0.96 -26.94
C MET D 202 21.82 -1.02 -26.80
N TRP D 203 21.14 0.02 -27.27
CA TRP D 203 19.69 0.13 -27.12
C TRP D 203 18.91 -0.72 -28.12
N ARG D 204 19.62 -1.26 -29.10
CA ARG D 204 18.98 -2.10 -30.12
C ARG D 204 19.39 -3.56 -29.97
N GLU D 205 20.18 -3.86 -28.95
CA GLU D 205 20.69 -5.21 -28.77
C GLU D 205 19.85 -6.04 -27.80
N GLU D 206 19.31 -7.15 -28.29
CA GLU D 206 18.55 -8.05 -27.43
C GLU D 206 19.48 -8.91 -26.56
N ILE D 207 19.22 -8.97 -25.26
CA ILE D 207 20.07 -9.77 -24.38
C ILE D 207 19.68 -11.26 -24.47
N ALA D 208 20.66 -12.14 -24.28
CA ALA D 208 20.44 -13.58 -24.41
C ALA D 208 19.87 -14.20 -23.13
N GLY D 209 20.14 -13.56 -22.01
CA GLY D 209 19.63 -14.06 -20.75
C GLY D 209 20.06 -13.19 -19.59
N LEU D 210 19.54 -13.50 -18.41
CA LEU D 210 19.84 -12.70 -17.23
C LEU D 210 21.09 -13.18 -16.50
N THR D 211 22.19 -13.24 -17.25
CA THR D 211 23.51 -13.38 -16.65
C THR D 211 23.74 -12.17 -15.76
N ARG D 212 24.67 -12.28 -14.83
CA ARG D 212 24.92 -11.17 -13.90
C ARG D 212 25.26 -9.86 -14.63
N PRO D 213 26.16 -9.92 -15.63
CA PRO D 213 26.49 -8.73 -16.43
C PRO D 213 25.25 -8.09 -17.06
N ASN D 214 24.29 -8.91 -17.49
CA ASN D 214 23.08 -8.39 -18.12
C ASN D 214 22.09 -7.82 -17.11
N GLN D 215 22.05 -8.41 -15.92
CA GLN D 215 21.29 -7.84 -14.82
C GLN D 215 21.77 -6.42 -14.53
N ILE D 216 23.08 -6.25 -14.42
CA ILE D 216 23.65 -4.92 -14.15
C ILE D 216 23.38 -3.93 -15.28
N LEU D 217 23.52 -4.37 -16.52
CA LEU D 217 23.19 -3.53 -17.66
C LEU D 217 21.77 -2.98 -17.57
N LEU D 218 20.80 -3.87 -17.38
CA LEU D 218 19.39 -3.47 -17.29
C LEU D 218 19.11 -2.62 -16.05
N SER D 219 19.67 -3.02 -14.90
CA SER D 219 19.38 -2.32 -13.65
C SER D 219 20.12 -0.98 -13.57
N GLY D 220 21.18 -0.83 -14.37
CA GLY D 220 21.94 0.41 -14.36
C GLY D 220 21.56 1.41 -15.44
N ALA D 221 20.73 0.98 -16.38
CA ALA D 221 20.41 1.81 -17.55
C ALA D 221 19.92 3.22 -17.21
N TYR D 222 19.09 3.32 -16.17
CA TYR D 222 18.46 4.59 -15.83
C TYR D 222 19.53 5.68 -15.61
N GLN D 223 20.69 5.30 -15.08
CA GLN D 223 21.75 6.26 -14.83
C GLN D 223 22.18 6.97 -16.11
N ARG D 224 22.06 6.27 -17.23
CA ARG D 224 22.51 6.81 -18.51
C ARG D 224 21.54 7.88 -19.02
N LEU D 225 20.30 7.84 -18.54
CA LEU D 225 19.28 8.75 -19.05
C LEU D 225 18.90 9.88 -18.08
N GLN D 226 19.37 9.81 -16.84
CA GLN D 226 19.03 10.83 -15.84
C GLN D 226 19.37 12.23 -16.33
N GLY D 227 18.39 13.14 -16.22
CA GLY D 227 18.59 14.51 -16.61
C GLY D 227 18.61 14.74 -18.11
N ARG D 228 18.09 13.79 -18.88
CA ARG D 228 18.10 13.93 -20.33
C ARG D 228 16.73 13.76 -20.99
N VAL D 229 15.72 13.41 -20.19
CA VAL D 229 14.38 13.15 -20.73
C VAL D 229 13.47 14.36 -20.68
N GLN D 230 12.79 14.64 -21.80
CA GLN D 230 11.75 15.67 -21.83
C GLN D 230 10.49 15.17 -21.14
N PRO D 231 9.73 16.10 -20.52
CA PRO D 231 8.53 15.71 -19.77
C PRO D 231 7.57 14.87 -20.60
N GLY D 232 7.38 15.25 -21.86
CA GLY D 232 6.46 14.52 -22.73
C GLY D 232 7.02 13.19 -23.23
N GLU D 233 8.27 12.91 -22.87
CA GLU D 233 8.96 11.72 -23.38
C GLU D 233 8.94 10.56 -22.40
N ILE D 234 8.32 10.76 -21.25
CA ILE D 234 8.10 9.66 -20.31
C ILE D 234 6.86 8.94 -20.82
N SER D 235 7.07 7.84 -21.54
CA SER D 235 6.03 7.26 -22.39
C SER D 235 5.14 6.23 -21.71
N LEU D 236 5.70 5.56 -20.70
CA LEU D 236 4.95 4.54 -19.98
C LEU D 236 5.61 4.28 -18.65
N ALA D 237 4.79 4.19 -17.61
CA ALA D 237 5.24 3.78 -16.29
C ALA D 237 4.56 2.47 -15.94
N VAL D 238 5.31 1.55 -15.34
CA VAL D 238 4.74 0.26 -14.97
C VAL D 238 5.00 -0.02 -13.50
N ALA D 239 3.99 -0.55 -12.82
CA ALA D 239 4.14 -1.11 -11.48
C ALA D 239 3.84 -2.61 -11.50
N PHE D 240 4.79 -3.41 -11.01
CA PHE D 240 4.62 -4.86 -10.93
C PHE D 240 4.22 -5.26 -9.53
N LYS D 241 3.17 -6.05 -9.40
CA LYS D 241 2.83 -6.63 -8.11
C LYS D 241 2.41 -8.06 -8.38
N ARG D 242 3.24 -9.02 -7.96
CA ARG D 242 3.01 -10.41 -8.36
C ARG D 242 1.62 -10.89 -8.00
N SER D 243 1.16 -10.50 -6.81
CA SER D 243 -0.21 -10.77 -6.39
C SER D 243 -0.76 -9.48 -5.80
N LEU D 244 -2.08 -9.42 -5.64
CA LEU D 244 -2.72 -8.25 -5.06
C LEU D 244 -3.40 -8.61 -3.75
N ARG D 245 -3.46 -7.62 -2.86
CA ARG D 245 -4.36 -7.56 -1.71
C ARG D 245 -4.99 -6.18 -1.78
N SER D 246 -6.17 -6.03 -1.19
CA SER D 246 -6.90 -4.76 -1.31
C SER D 246 -6.12 -3.57 -0.78
N ASP D 247 -5.28 -3.79 0.24
CA ASP D 247 -4.48 -2.70 0.82
C ASP D 247 -3.21 -2.37 0.04
N ARG D 248 -2.86 -3.23 -0.91
CA ARG D 248 -1.61 -3.08 -1.64
C ARG D 248 -1.79 -2.50 -3.04
N LEU D 249 -2.86 -1.74 -3.24
CA LEU D 249 -3.16 -1.22 -4.58
C LEU D 249 -2.73 0.23 -4.78
N TYR D 250 -2.50 0.94 -3.67
CA TYR D 250 -2.58 2.41 -3.71
C TYR D 250 -1.33 3.18 -4.09
N GLN D 251 -0.15 2.56 -3.99
CA GLN D 251 1.07 3.27 -4.34
C GLN D 251 1.11 3.67 -5.82
N PRO D 252 0.77 2.75 -6.74
CA PRO D 252 0.76 3.12 -8.16
C PRO D 252 -0.36 4.09 -8.47
N LEU D 253 -1.50 3.89 -7.84
CA LEU D 253 -2.64 4.78 -8.04
C LEU D 253 -2.26 6.19 -7.59
N TYR D 254 -1.68 6.30 -6.41
CA TYR D 254 -1.26 7.62 -5.92
C TYR D 254 -0.15 8.22 -6.77
N GLU D 255 0.89 7.45 -7.06
CA GLU D 255 2.01 7.99 -7.81
C GLU D 255 1.58 8.42 -9.21
N ALA D 256 0.65 7.68 -9.81
CA ALA D 256 0.16 8.03 -11.14
C ALA D 256 -0.52 9.40 -11.12
N ASN D 257 -1.33 9.63 -10.10
CA ASN D 257 -1.97 10.93 -9.90
C ASN D 257 -0.96 12.05 -9.80
N VAL D 258 0.08 11.85 -9.01
CA VAL D 258 1.12 12.86 -8.89
C VAL D 258 1.88 13.08 -10.21
N MET D 259 2.22 11.99 -10.90
CA MET D 259 2.88 12.12 -12.20
C MET D 259 2.00 12.91 -13.16
N GLN D 260 0.69 12.68 -13.11
CA GLN D 260 -0.22 13.38 -14.00
C GLN D 260 -0.30 14.86 -13.64
N LEU D 261 -0.33 15.15 -12.35
CA LEU D 261 -0.38 16.53 -11.88
C LEU D 261 0.85 17.31 -12.35
N LEU D 262 2.03 16.75 -12.15
CA LEU D 262 3.28 17.43 -12.48
C LEU D 262 3.62 17.42 -13.99
N LEU D 263 3.52 16.26 -14.63
CA LEU D 263 3.90 16.13 -16.04
C LEU D 263 2.87 16.78 -16.96
N GLU D 264 1.60 16.46 -16.74
CA GLU D 264 0.51 17.04 -17.54
C GLU D 264 0.18 18.48 -17.11
N GLY D 265 0.02 18.68 -15.82
CA GLY D 265 -0.41 19.99 -15.32
C GLY D 265 0.67 21.05 -15.32
N LYS D 266 1.85 20.72 -14.81
CA LYS D 266 2.92 21.70 -14.67
C LYS D 266 3.86 21.75 -15.89
N LEU D 267 3.99 20.64 -16.60
CA LEU D 267 4.96 20.58 -17.68
C LEU D 267 4.34 20.38 -19.07
N GLY D 268 3.02 20.33 -19.13
CA GLY D 268 2.30 20.25 -20.39
C GLY D 268 2.49 18.96 -21.18
N ALA D 269 2.79 17.86 -20.50
CA ALA D 269 2.97 16.59 -21.20
C ALA D 269 1.64 16.03 -21.69
N PRO D 270 1.70 15.14 -22.69
CA PRO D 270 0.51 14.40 -23.10
C PRO D 270 0.09 13.48 -21.96
N LYS D 271 -1.08 12.88 -22.08
CA LYS D 271 -1.60 11.94 -21.09
C LYS D 271 -0.51 11.01 -20.57
N VAL D 272 -0.36 10.95 -19.25
CA VAL D 272 0.60 10.03 -18.65
C VAL D 272 0.01 8.63 -18.54
N GLU D 273 0.71 7.67 -19.15
CA GLU D 273 0.25 6.28 -19.18
C GLU D 273 0.96 5.49 -18.08
N PHE D 274 0.17 4.89 -17.21
CA PHE D 274 0.71 4.20 -16.04
C PHE D 274 -0.13 2.94 -15.87
N GLU D 275 0.50 1.78 -15.87
CA GLU D 275 -0.25 0.53 -15.77
C GLU D 275 0.30 -0.36 -14.64
N VAL D 276 -0.52 -1.30 -14.20
CA VAL D 276 -0.13 -2.24 -13.15
C VAL D 276 -0.18 -3.65 -13.74
N HIS D 277 0.87 -4.43 -13.49
CA HIS D 277 0.90 -5.83 -13.90
C HIS D 277 0.82 -6.71 -12.66
N THR D 278 -0.01 -7.75 -12.73
CA THR D 278 -0.06 -8.72 -11.67
C THR D 278 -0.28 -10.13 -12.23
N LEU D 279 0.10 -11.14 -11.46
CA LEU D 279 -0.18 -12.52 -11.84
C LEU D 279 -1.40 -13.07 -11.10
N ALA D 280 -1.83 -12.37 -10.05
CA ALA D 280 -2.86 -12.88 -9.16
C ALA D 280 -3.68 -11.76 -8.53
N PRO D 281 -4.69 -11.26 -9.25
CA PRO D 281 -5.51 -10.11 -8.81
C PRO D 281 -6.43 -10.46 -7.64
N GLU D 282 -6.69 -11.74 -7.42
CA GLU D 282 -7.51 -12.16 -6.28
C GLU D 282 -8.88 -11.46 -6.26
N GLY D 283 -9.61 -11.59 -7.37
CA GLY D 283 -10.93 -11.00 -7.48
C GLY D 283 -11.01 -9.89 -8.51
N THR D 284 -12.16 -9.24 -8.56
CA THR D 284 -12.41 -8.20 -9.55
C THR D 284 -12.32 -6.80 -8.93
N ASN D 285 -12.21 -6.78 -7.60
CA ASN D 285 -12.14 -5.52 -6.84
C ASN D 285 -11.04 -4.59 -7.33
N ALA D 286 -9.87 -5.15 -7.63
CA ALA D 286 -8.73 -4.32 -8.04
C ALA D 286 -9.01 -3.67 -9.39
N PHE D 287 -9.69 -4.38 -10.27
CA PHE D 287 -10.02 -3.82 -11.57
C PHE D 287 -10.94 -2.61 -11.38
N VAL D 288 -11.91 -2.74 -10.48
CA VAL D 288 -12.80 -1.63 -10.17
C VAL D 288 -12.02 -0.47 -9.58
N THR D 289 -11.16 -0.79 -8.61
CA THR D 289 -10.30 0.21 -7.97
C THR D 289 -9.51 1.01 -8.99
N TYR D 290 -8.94 0.33 -9.99
CA TYR D 290 -8.08 0.99 -10.95
C TYR D 290 -8.84 1.68 -12.08
N GLU D 291 -10.16 1.71 -11.98
CA GLU D 291 -10.97 2.45 -12.94
C GLU D 291 -11.08 3.92 -12.54
N ALA D 292 -10.44 4.29 -11.42
CA ALA D 292 -10.59 5.62 -10.85
C ALA D 292 -10.11 6.74 -11.76
N ALA D 293 -10.92 7.79 -11.88
CA ALA D 293 -10.53 8.99 -12.60
C ALA D 293 -9.33 9.62 -11.92
N SER D 294 -8.47 10.23 -12.73
CA SER D 294 -7.37 11.05 -12.22
C SER D 294 -7.93 12.13 -11.30
N LEU D 295 -7.39 12.22 -10.08
CA LEU D 295 -7.82 13.23 -9.12
C LEU D 295 -7.52 14.63 -9.64
N TYR D 296 -6.31 14.85 -10.16
N TYR D 296 -6.29 14.81 -10.11
CA TYR D 296 -5.98 16.17 -10.67
CA TYR D 296 -5.85 16.05 -10.73
C TYR D 296 -6.60 16.43 -12.05
C TYR D 296 -6.78 16.37 -11.90
N GLY D 297 -7.00 15.36 -12.72
CA GLY D 297 -7.82 15.50 -13.92
C GLY D 297 -9.20 16.04 -13.53
N LEU D 298 -9.77 15.49 -12.46
CA LEU D 298 -11.06 15.98 -11.96
C LEU D 298 -10.89 17.40 -11.44
N ALA D 299 -9.77 17.65 -10.77
CA ALA D 299 -9.49 18.96 -10.21
C ALA D 299 -9.49 20.03 -11.29
N GLU D 300 -8.85 19.72 -12.43
CA GLU D 300 -8.74 20.69 -13.51
C GLU D 300 -10.04 20.84 -14.29
N GLY D 301 -10.77 19.73 -14.43
CA GLY D 301 -12.05 19.74 -15.10
C GLY D 301 -11.94 20.13 -16.57
N ARG D 302 -10.86 19.69 -17.21
CA ARG D 302 -10.67 19.94 -18.65
C ARG D 302 -11.66 19.13 -19.49
N SER D 303 -11.62 19.28 -20.81
CA SER D 303 -12.61 18.62 -21.66
C SER D 303 -12.56 17.10 -21.53
N ALA D 304 -11.36 16.56 -21.32
CA ALA D 304 -11.18 15.11 -21.21
C ALA D 304 -10.56 14.72 -19.88
N VAL D 305 -11.26 13.90 -19.11
CA VAL D 305 -10.71 13.33 -17.89
C VAL D 305 -10.36 11.86 -18.13
N HIS D 306 -9.13 11.48 -17.80
N HIS D 306 -9.15 11.48 -17.77
CA HIS D 306 -8.73 10.08 -17.96
CA HIS D 306 -8.72 10.10 -17.96
C HIS D 306 -8.36 9.41 -16.65
C HIS D 306 -8.50 9.39 -16.62
N ARG D 307 -8.31 8.07 -16.67
CA ARG D 307 -8.00 7.31 -15.47
C ARG D 307 -6.58 7.61 -15.02
N ALA D 308 -6.32 7.44 -13.74
CA ALA D 308 -4.95 7.55 -13.25
C ALA D 308 -4.13 6.35 -13.74
N ILE D 309 -4.73 5.17 -13.61
CA ILE D 309 -4.14 3.91 -14.05
C ILE D 309 -4.88 3.43 -15.29
N ARG D 310 -4.13 3.26 -16.38
CA ARG D 310 -4.71 2.93 -17.68
C ARG D 310 -5.28 1.50 -17.73
N GLU D 311 -4.66 0.59 -17.00
CA GLU D 311 -5.06 -0.81 -17.05
C GLU D 311 -4.42 -1.59 -15.92
N LEU D 312 -5.13 -2.62 -15.47
CA LEU D 312 -4.55 -3.66 -14.64
C LEU D 312 -4.39 -4.89 -15.54
N TYR D 313 -3.14 -5.24 -15.85
CA TYR D 313 -2.84 -6.26 -16.84
C TYR D 313 -2.37 -7.56 -16.16
N VAL D 314 -2.98 -8.67 -16.53
CA VAL D 314 -2.59 -9.99 -16.02
C VAL D 314 -1.99 -10.80 -17.19
N PRO D 315 -0.66 -10.82 -17.31
CA PRO D 315 -0.04 -11.47 -18.47
C PRO D 315 -0.24 -12.99 -18.45
N PRO D 316 -0.86 -13.55 -19.51
CA PRO D 316 -1.05 -15.01 -19.58
C PRO D 316 0.26 -15.73 -19.91
N THR D 317 1.06 -15.08 -20.75
CA THR D 317 2.33 -15.63 -21.21
C THR D 317 3.30 -14.49 -21.45
N ALA D 318 4.60 -14.80 -21.46
CA ALA D 318 5.60 -13.79 -21.75
C ALA D 318 5.42 -13.22 -23.16
N ALA D 319 5.00 -14.08 -24.09
CA ALA D 319 4.72 -13.66 -25.47
C ALA D 319 3.59 -12.63 -25.54
N ASP D 320 2.55 -12.82 -24.74
CA ASP D 320 1.48 -11.84 -24.70
C ASP D 320 2.00 -10.51 -24.16
N LEU D 321 2.82 -10.58 -23.11
CA LEU D 321 3.42 -9.39 -22.53
C LEU D 321 4.18 -8.62 -23.61
N ALA D 322 4.98 -9.34 -24.38
CA ALA D 322 5.72 -8.74 -25.48
C ALA D 322 4.79 -8.14 -26.54
N ARG D 323 3.80 -8.92 -26.97
CA ARG D 323 2.85 -8.47 -27.97
C ARG D 323 2.17 -7.18 -27.54
N ARG D 324 1.68 -7.17 -26.32
CA ARG D 324 0.97 -6.01 -25.80
C ARG D 324 1.87 -4.78 -25.81
N PHE D 325 3.13 -4.95 -25.43
CA PHE D 325 4.05 -3.83 -25.36
C PHE D 325 4.36 -3.28 -26.75
N PHE D 326 4.61 -4.17 -27.71
CA PHE D 326 4.81 -3.74 -29.10
C PHE D 326 3.61 -2.94 -29.58
N ALA D 327 2.42 -3.45 -29.32
CA ALA D 327 1.21 -2.76 -29.76
C ALA D 327 1.06 -1.40 -29.07
N PHE D 328 1.48 -1.31 -27.82
CA PHE D 328 1.42 -0.04 -27.13
C PHE D 328 2.37 0.97 -27.76
N LEU D 329 3.58 0.52 -28.09
CA LEU D 329 4.58 1.41 -28.68
C LEU D 329 4.10 1.88 -30.06
N ASN D 330 3.49 0.96 -30.81
CA ASN D 330 2.99 1.25 -32.14
C ASN D 330 2.00 2.42 -32.13
N GLU D 331 1.26 2.55 -31.03
CA GLU D 331 0.28 3.63 -30.87
C GLU D 331 0.88 4.87 -30.24
N ARG D 332 1.51 4.68 -29.10
CA ARG D 332 2.06 5.79 -28.34
C ARG D 332 3.13 6.59 -29.07
N MET D 333 4.01 5.92 -29.83
CA MET D 333 5.14 6.59 -30.44
C MET D 333 4.73 7.44 -31.64
N GLU D 334 3.49 7.27 -32.06
CA GLU D 334 2.90 8.12 -33.09
C GLU D 334 2.89 9.57 -32.60
N LEU D 335 2.92 9.77 -31.28
CA LEU D 335 2.90 11.11 -30.69
C LEU D 335 4.24 11.79 -30.86
N VAL D 336 5.26 11.02 -31.23
CA VAL D 336 6.59 11.55 -31.46
C VAL D 336 6.78 11.76 -32.96
N ASN D 337 7.17 12.97 -33.35
CA ASN D 337 7.39 13.25 -34.77
C ASN D 337 8.56 12.45 -35.32
N GLY D 338 8.35 11.79 -36.45
CA GLY D 338 9.41 11.06 -37.10
C GLY D 338 10.59 11.96 -37.41
CA CA E . -5.28 0.04 9.20
CA CA F . -11.93 -1.83 11.85
CA CA G . 6.39 -3.23 -7.54
CA CA H . 12.43 -1.12 -10.20
#